data_4HFW
#
_entry.id   4HFW
#
_cell.length_a   68.100
_cell.length_b   97.920
_cell.length_c   94.230
_cell.angle_alpha   90.00
_cell.angle_beta   108.88
_cell.angle_gamma   90.00
#
_symmetry.space_group_name_H-M   'P 1 21 1'
#
loop_
_entity.id
_entity.type
_entity.pdbx_description
1 polymer '6-26 Fab Light chain'
2 polymer '6-26 Fab Heavy chain'
3 non-polymer 'SULFATE ION'
4 water water
#
loop_
_entity_poly.entity_id
_entity_poly.type
_entity_poly.pdbx_seq_one_letter_code
_entity_poly.pdbx_strand_id
1 'polypeptide(L)'
;DIRLTQSPSSLSASVGDRVTITCRASQSISNYLNWYQKKPGQAPKLLIYAATSLQSGVPSRFSGSGSGTDFTLTISSVQP
EDFATYYCQKTLRTWTFGQGTKVEIKRTAAAPSVFIFPPSDEQLKSGTASVVCLLNNFYPREAKVQWKVDNALQSGNSQE
SVTEQDSKDSTYSLSSTLTLSKADYEKHKVYACEVTHQGLSSPVTKSFNRGEC
;
L,A
2 'polypeptide(L)'
;EFQLVESGAEVKKPGASVKVSCKASGYSFTSYYVHWVREAPGEGLEWMGMINPSDGSTYYAQRFQPRVTMTRDTSTTTVF
MEMSGLRSEDTAVYYCARGVVGATNEIDFWGQGTTVTVSSASFKGPSVFPLAPSSKSTSGGTAALGCLVKDYFPEPVTVS
WNSGALTSGVHTFPAVLQSSGLYSLSSVVTVPSSSLGTQTYICNVNHKPSNTKVDKKVEPKSC
;
H,B
#
loop_
_chem_comp.id
_chem_comp.type
_chem_comp.name
_chem_comp.formula
SO4 non-polymer 'SULFATE ION' 'O4 S -2'
#
# COMPACT_ATOMS: atom_id res chain seq x y z
N ASP A 1 27.92 2.33 -25.42
CA ASP A 1 29.06 1.88 -26.25
C ASP A 1 28.62 1.22 -27.57
N ILE A 2 28.18 -0.03 -27.40
CA ILE A 2 27.82 -0.99 -28.41
C ILE A 2 26.33 -1.23 -28.45
N ARG A 3 25.74 -1.09 -29.63
CA ARG A 3 24.29 -1.25 -29.79
C ARG A 3 23.95 -2.66 -30.27
N LEU A 4 22.76 -3.09 -29.90
CA LEU A 4 22.22 -4.40 -30.24
C LEU A 4 20.93 -4.21 -31.04
N THR A 5 20.80 -4.88 -32.19
CA THR A 5 19.57 -4.76 -32.98
C THR A 5 18.94 -6.14 -33.15
N GLN A 6 17.67 -6.26 -32.82
CA GLN A 6 17.02 -7.56 -32.88
C GLN A 6 16.03 -7.63 -34.07
N SER A 7 15.92 -8.78 -34.74
CA SER A 7 15.04 -8.93 -35.90
C SER A 7 14.32 -10.28 -36.02
N PRO A 8 13.03 -10.24 -36.38
CA PRO A 8 12.22 -9.03 -36.59
C PRO A 8 11.70 -8.50 -35.25
N SER A 9 10.85 -7.48 -35.29
CA SER A 9 10.22 -6.98 -34.07
C SER A 9 9.05 -7.85 -33.65
N SER A 10 8.34 -8.33 -34.68
CA SER A 10 7.16 -9.16 -34.56
C SER A 10 7.21 -10.34 -35.51
N LEU A 11 6.76 -11.51 -35.08
CA LEU A 11 6.79 -12.70 -35.90
C LEU A 11 5.55 -13.57 -35.65
N SER A 12 5.00 -14.19 -36.68
CA SER A 12 3.84 -15.08 -36.49
C SER A 12 4.18 -16.51 -36.92
N ALA A 13 3.79 -17.48 -36.10
CA ALA A 13 4.18 -18.86 -36.36
C ALA A 13 3.13 -19.86 -35.88
N SER A 14 3.23 -21.07 -36.40
CA SER A 14 2.33 -22.14 -36.05
C SER A 14 3.11 -23.15 -35.26
N VAL A 15 2.40 -23.94 -34.47
CA VAL A 15 3.02 -25.00 -33.70
C VAL A 15 3.77 -25.94 -34.65
N GLY A 16 4.99 -26.30 -34.27
CA GLY A 16 5.87 -27.15 -35.04
C GLY A 16 6.69 -26.42 -36.09
N ASP A 17 6.50 -25.12 -36.23
CA ASP A 17 7.32 -24.36 -37.16
C ASP A 17 8.73 -24.20 -36.62
N ARG A 18 9.63 -23.79 -37.49
CA ARG A 18 10.98 -23.49 -37.09
C ARG A 18 11.07 -21.97 -37.11
N VAL A 19 11.36 -21.36 -35.97
CA VAL A 19 11.52 -19.92 -35.97
C VAL A 19 12.95 -19.47 -35.70
N THR A 20 13.37 -18.43 -36.41
CA THR A 20 14.71 -17.89 -36.27
C THR A 20 14.63 -16.43 -35.92
N ILE A 21 15.35 -16.06 -34.85
CA ILE A 21 15.41 -14.68 -34.38
C ILE A 21 16.83 -14.21 -34.42
N THR A 22 17.03 -12.95 -34.80
CA THR A 22 18.35 -12.41 -35.04
C THR A 22 18.68 -11.25 -34.13
N CYS A 23 19.94 -11.20 -33.69
CA CYS A 23 20.46 -10.08 -32.93
C CYS A 23 21.75 -9.65 -33.66
N ARG A 24 21.84 -8.37 -34.01
CA ARG A 24 23.06 -7.81 -34.64
C ARG A 24 23.71 -6.77 -33.72
N ALA A 25 25.01 -6.94 -33.46
CA ALA A 25 25.74 -5.99 -32.64
C ALA A 25 26.50 -5.02 -33.51
N SER A 26 26.51 -3.76 -33.11
CA SER A 26 27.16 -2.70 -33.86
C SER A 26 28.68 -2.85 -33.88
N GLN A 27 29.20 -3.53 -32.86
CA GLN A 27 30.61 -3.84 -32.83
C GLN A 27 30.74 -5.27 -32.42
N SER A 28 31.95 -5.79 -32.43
CA SER A 28 32.14 -7.18 -32.08
C SER A 28 31.99 -7.36 -30.58
N ILE A 29 31.07 -8.22 -30.16
CA ILE A 29 30.93 -8.54 -28.76
C ILE A 29 31.27 -9.99 -28.50
N SER A 30 31.83 -10.64 -29.50
CA SER A 30 32.34 -12.00 -29.36
C SER A 30 31.29 -13.01 -28.88
N ASN A 31 31.67 -13.74 -27.84
CA ASN A 31 30.84 -14.69 -27.10
C ASN A 31 29.66 -14.12 -26.29
N TYR A 32 29.82 -12.91 -25.76
CA TYR A 32 28.98 -12.37 -24.67
C TYR A 32 27.55 -11.97 -25.03
N LEU A 33 26.77 -12.98 -25.39
CA LEU A 33 25.35 -12.80 -25.73
C LEU A 33 24.44 -13.88 -25.10
N ASN A 34 23.37 -13.45 -24.46
CA ASN A 34 22.41 -14.37 -23.87
C ASN A 34 21.03 -14.20 -24.49
N TRP A 35 20.21 -15.23 -24.40
CA TRP A 35 18.86 -15.15 -24.92
C TRP A 35 17.85 -15.45 -23.78
N TYR A 36 16.78 -14.67 -23.72
CA TYR A 36 15.77 -14.83 -22.69
C TYR A 36 14.39 -15.02 -23.30
N GLN A 37 13.54 -15.73 -22.58
CA GLN A 37 12.14 -15.76 -22.89
C GLN A 37 11.41 -14.96 -21.83
N LYS A 38 10.47 -14.12 -22.24
CA LYS A 38 9.71 -13.33 -21.30
C LYS A 38 8.27 -13.29 -21.68
N LYS A 39 7.43 -13.78 -20.76
CA LYS A 39 6.00 -13.75 -20.93
C LYS A 39 5.45 -12.65 -20.07
N PRO A 40 4.27 -12.12 -20.42
CA PRO A 40 3.69 -11.03 -19.64
C PRO A 40 3.38 -11.43 -18.18
N GLY A 41 3.79 -10.56 -17.26
CA GLY A 41 3.52 -10.70 -15.85
C GLY A 41 4.54 -11.54 -15.11
N GLN A 42 5.64 -11.85 -15.79
CA GLN A 42 6.69 -12.63 -15.15
C GLN A 42 8.08 -12.13 -15.51
N ALA A 43 9.06 -12.56 -14.72
CA ALA A 43 10.44 -12.22 -14.92
C ALA A 43 10.93 -13.04 -16.11
N PRO A 44 11.99 -12.56 -16.78
CA PRO A 44 12.63 -13.26 -17.91
C PRO A 44 13.15 -14.61 -17.50
N LYS A 45 13.24 -15.54 -18.44
CA LYS A 45 13.76 -16.87 -18.20
C LYS A 45 14.98 -17.13 -19.10
N LEU A 46 16.13 -17.50 -18.53
CA LEU A 46 17.33 -17.62 -19.37
C LEU A 46 17.34 -18.88 -20.22
N LEU A 47 17.44 -18.72 -21.55
CA LEU A 47 17.43 -19.86 -22.48
C LEU A 47 18.80 -20.29 -22.95
N ILE A 48 19.56 -19.32 -23.43
CA ILE A 48 20.88 -19.53 -23.99
C ILE A 48 21.83 -18.53 -23.34
N TYR A 49 23.03 -18.99 -23.00
CA TYR A 49 24.04 -18.08 -22.48
C TYR A 49 25.32 -18.29 -23.31
N ALA A 50 26.16 -17.26 -23.34
CA ALA A 50 27.43 -17.31 -24.08
C ALA A 50 27.23 -17.65 -25.56
N ALA A 51 26.14 -17.15 -26.13
CA ALA A 51 25.82 -17.30 -27.56
C ALA A 51 25.38 -18.71 -27.99
N THR A 52 26.08 -19.76 -27.54
CA THR A 52 25.78 -21.09 -28.03
C THR A 52 25.48 -22.13 -26.97
N SER A 53 25.61 -21.77 -25.71
CA SER A 53 25.39 -22.74 -24.61
C SER A 53 23.94 -22.81 -24.12
N LEU A 54 23.43 -24.03 -24.04
CA LEU A 54 22.06 -24.27 -23.56
C LEU A 54 22.01 -24.26 -22.02
N GLN A 55 21.20 -23.37 -21.44
CA GLN A 55 21.02 -23.29 -20.00
C GLN A 55 20.37 -24.58 -19.48
N SER A 56 20.80 -25.06 -18.31
CA SER A 56 20.24 -26.30 -17.73
C SER A 56 18.70 -26.26 -17.60
N GLY A 57 18.05 -27.37 -17.92
CA GLY A 57 16.62 -27.44 -17.79
C GLY A 57 15.89 -26.79 -18.97
N VAL A 58 16.64 -26.27 -19.94
CA VAL A 58 15.96 -25.74 -21.12
C VAL A 58 15.83 -26.87 -22.17
N PRO A 59 14.65 -26.95 -22.81
CA PRO A 59 14.44 -28.01 -23.79
C PRO A 59 15.32 -27.82 -25.02
N SER A 60 15.64 -28.94 -25.67
CA SER A 60 16.64 -28.95 -26.75
C SER A 60 16.20 -28.18 -27.98
N ARG A 61 14.91 -27.98 -28.13
CA ARG A 61 14.40 -27.26 -29.29
C ARG A 61 15.00 -25.84 -29.35
N PHE A 62 15.53 -25.36 -28.23
CA PHE A 62 16.19 -24.06 -28.22
C PHE A 62 17.67 -24.19 -28.51
N SER A 63 18.19 -23.30 -29.35
CA SER A 63 19.62 -23.28 -29.65
C SER A 63 20.05 -21.91 -30.13
N GLY A 64 21.28 -21.53 -29.77
CA GLY A 64 21.84 -20.26 -30.20
C GLY A 64 23.09 -20.47 -31.03
N SER A 65 23.38 -19.50 -31.88
CA SER A 65 24.59 -19.55 -32.66
C SER A 65 25.09 -18.16 -32.95
N GLY A 66 26.34 -18.10 -33.37
CA GLY A 66 26.93 -16.84 -33.76
C GLY A 66 28.13 -16.50 -32.97
N SER A 67 28.88 -15.52 -33.46
CA SER A 67 29.97 -14.99 -32.68
C SER A 67 30.34 -13.71 -33.35
N GLY A 68 30.76 -12.74 -32.54
CA GLY A 68 31.05 -11.45 -33.09
C GLY A 68 29.90 -10.49 -33.10
N THR A 69 29.41 -10.22 -34.30
CA THR A 69 28.35 -9.26 -34.50
C THR A 69 26.98 -9.86 -34.82
N ASP A 70 26.93 -11.15 -35.16
CA ASP A 70 25.68 -11.75 -35.61
C ASP A 70 25.26 -12.98 -34.81
N PHE A 71 24.06 -12.92 -34.26
CA PHE A 71 23.58 -13.98 -33.39
C PHE A 71 22.20 -14.48 -33.78
N THR A 72 22.02 -15.78 -33.67
CA THR A 72 20.74 -16.39 -33.95
C THR A 72 20.22 -17.25 -32.79
N LEU A 73 18.95 -17.09 -32.48
CA LEU A 73 18.26 -17.96 -31.58
C LEU A 73 17.22 -18.69 -32.43
N THR A 74 17.30 -20.01 -32.53
CA THR A 74 16.28 -20.71 -33.27
C THR A 74 15.53 -21.62 -32.36
N ILE A 75 14.25 -21.82 -32.66
CA ILE A 75 13.45 -22.84 -32.01
C ILE A 75 13.09 -23.82 -33.11
N SER A 76 13.56 -25.06 -33.00
CA SER A 76 13.40 -26.08 -34.06
C SER A 76 11.93 -26.41 -34.41
N SER A 77 11.13 -26.78 -33.40
CA SER A 77 9.68 -26.84 -33.59
C SER A 77 9.03 -26.07 -32.45
N VAL A 78 8.21 -25.10 -32.80
CA VAL A 78 7.60 -24.25 -31.82
C VAL A 78 6.47 -25.00 -31.11
N GLN A 79 6.52 -25.01 -29.78
CA GLN A 79 5.50 -25.69 -29.00
C GLN A 79 4.58 -24.63 -28.42
N PRO A 80 3.31 -24.99 -28.12
CA PRO A 80 2.34 -23.97 -27.72
C PRO A 80 2.73 -23.11 -26.51
N GLU A 81 3.54 -23.63 -25.61
CA GLU A 81 4.04 -22.85 -24.49
C GLU A 81 5.19 -21.94 -24.89
N ASP A 82 5.54 -21.91 -26.17
CA ASP A 82 6.72 -21.15 -26.59
C ASP A 82 6.36 -19.74 -27.05
N PHE A 83 5.08 -19.45 -27.13
CA PHE A 83 4.67 -18.14 -27.62
C PHE A 83 4.87 -17.07 -26.55
N ALA A 84 5.92 -16.26 -26.76
CA ALA A 84 6.37 -15.25 -25.82
C ALA A 84 7.20 -14.20 -26.55
N THR A 85 7.78 -13.28 -25.79
CA THR A 85 8.71 -12.28 -26.32
C THR A 85 10.09 -12.80 -26.03
N TYR A 86 11.00 -12.57 -26.95
CA TYR A 86 12.35 -13.05 -26.78
C TYR A 86 13.36 -11.89 -26.80
N TYR A 87 14.32 -11.90 -25.87
CA TYR A 87 15.29 -10.82 -25.80
C TYR A 87 16.70 -11.36 -25.92
N CYS A 88 17.58 -10.59 -26.56
CA CYS A 88 19.00 -10.92 -26.50
C CYS A 88 19.61 -9.93 -25.51
N GLN A 89 20.70 -10.34 -24.89
CA GLN A 89 21.40 -9.49 -23.95
C GLN A 89 22.92 -9.62 -24.10
N LYS A 90 23.59 -8.49 -24.23
CA LYS A 90 25.02 -8.42 -24.21
C LYS A 90 25.41 -8.62 -22.74
N THR A 91 26.45 -9.39 -22.48
CA THR A 91 26.83 -9.69 -21.11
C THR A 91 28.26 -9.19 -20.93
N LEU A 92 28.53 -8.14 -21.66
CA LEU A 92 29.81 -7.51 -21.64
C LEU A 92 29.73 -6.04 -21.31
N ARG A 93 30.50 -5.60 -20.32
CA ARG A 93 30.61 -4.18 -19.89
C ARG A 93 29.21 -3.73 -19.45
N THR A 94 28.44 -3.06 -20.31
CA THR A 94 27.02 -2.77 -20.00
C THR A 94 26.18 -3.97 -20.51
N TRP A 95 25.31 -4.50 -19.67
CA TRP A 95 24.54 -5.69 -20.08
C TRP A 95 23.23 -5.26 -20.76
N THR A 96 23.37 -4.62 -21.93
CA THR A 96 22.24 -4.04 -22.63
C THR A 96 21.35 -5.11 -23.25
N PHE A 97 20.04 -4.94 -23.11
CA PHE A 97 19.09 -5.81 -23.78
C PHE A 97 18.85 -5.32 -25.22
N GLY A 98 18.38 -6.24 -26.06
CA GLY A 98 17.89 -5.91 -27.37
C GLY A 98 16.47 -5.44 -27.20
N GLN A 99 15.79 -5.12 -28.30
CA GLN A 99 14.44 -4.56 -28.28
C GLN A 99 13.36 -5.60 -27.97
N GLY A 100 13.70 -6.86 -28.18
CA GLY A 100 12.73 -7.91 -28.04
C GLY A 100 12.07 -8.21 -29.39
N THR A 101 11.89 -9.50 -29.64
CA THR A 101 11.15 -10.01 -30.77
C THR A 101 9.93 -10.71 -30.21
N LYS A 102 8.74 -10.25 -30.55
CA LYS A 102 7.51 -10.89 -30.05
C LYS A 102 7.03 -12.06 -30.95
N VAL A 103 7.01 -13.29 -30.44
CA VAL A 103 6.58 -14.43 -31.26
C VAL A 103 5.10 -14.81 -31.04
N GLU A 104 4.24 -14.39 -31.96
CA GLU A 104 2.81 -14.63 -31.80
C GLU A 104 2.28 -15.76 -32.70
N ILE A 105 1.07 -16.24 -32.39
CA ILE A 105 0.47 -17.41 -33.07
C ILE A 105 -0.21 -17.06 -34.36
N LYS A 106 0.20 -17.74 -35.44
CA LYS A 106 -0.42 -17.60 -36.76
C LYS A 106 -1.77 -18.28 -36.85
N ARG A 107 -2.69 -17.62 -37.54
CA ARG A 107 -4.03 -18.14 -37.75
C ARG A 107 -4.69 -17.51 -38.99
N THR A 108 -5.85 -18.04 -39.35
CA THR A 108 -6.57 -17.48 -40.48
C THR A 108 -7.17 -16.13 -40.11
N ALA A 109 -7.19 -15.22 -41.09
CA ALA A 109 -7.84 -13.92 -40.97
C ALA A 109 -9.27 -14.00 -40.43
N ALA A 110 -9.63 -13.07 -39.55
CA ALA A 110 -10.98 -12.95 -39.03
C ALA A 110 -11.38 -11.48 -38.91
N ALA A 111 -12.57 -11.15 -39.40
CA ALA A 111 -13.06 -9.78 -39.35
C ALA A 111 -13.57 -9.44 -37.95
N PRO A 112 -13.38 -8.19 -37.53
CA PRO A 112 -13.86 -7.79 -36.21
C PRO A 112 -15.38 -7.66 -36.17
N SER A 113 -16.00 -8.13 -35.08
CA SER A 113 -17.36 -7.75 -34.81
C SER A 113 -17.34 -6.36 -34.17
N VAL A 114 -18.07 -5.43 -34.75
CA VAL A 114 -17.98 -4.02 -34.34
C VAL A 114 -19.20 -3.54 -33.56
N PHE A 115 -18.95 -2.87 -32.44
CA PHE A 115 -20.00 -2.40 -31.53
C PHE A 115 -19.74 -0.97 -31.05
N ILE A 116 -20.81 -0.20 -30.94
CA ILE A 116 -20.68 1.14 -30.39
C ILE A 116 -21.51 1.30 -29.13
N PHE A 117 -20.95 1.93 -28.11
CA PHE A 117 -21.69 2.17 -26.88
C PHE A 117 -21.82 3.67 -26.59
N PRO A 118 -23.06 4.18 -26.57
CA PRO A 118 -23.27 5.58 -26.17
C PRO A 118 -22.98 5.75 -24.69
N PRO A 119 -22.76 6.99 -24.27
CA PRO A 119 -22.56 7.19 -22.84
C PRO A 119 -23.82 6.78 -22.07
N SER A 120 -23.63 6.31 -20.85
CA SER A 120 -24.77 6.00 -19.98
C SER A 120 -25.33 7.29 -19.37
N ASP A 121 -26.60 7.25 -18.99
CA ASP A 121 -27.24 8.41 -18.36
C ASP A 121 -26.60 8.82 -17.03
N GLU A 122 -26.11 7.87 -16.26
CA GLU A 122 -25.44 8.19 -15.00
C GLU A 122 -24.07 8.84 -15.18
N GLN A 123 -23.42 8.54 -16.29
CA GLN A 123 -22.14 9.19 -16.55
C GLN A 123 -22.36 10.62 -16.98
N LEU A 124 -23.46 10.85 -17.69
CA LEU A 124 -23.79 12.18 -18.17
C LEU A 124 -24.11 13.10 -16.99
N LYS A 125 -24.53 12.51 -15.88
CA LYS A 125 -24.78 13.24 -14.66
C LYS A 125 -23.52 13.91 -14.13
N SER A 126 -22.38 13.32 -14.47
CA SER A 126 -21.08 13.76 -13.96
C SER A 126 -20.51 14.85 -14.83
N GLY A 127 -21.20 15.12 -15.92
CA GLY A 127 -20.74 16.08 -16.91
C GLY A 127 -19.60 15.55 -17.76
N THR A 128 -19.54 14.24 -17.95
CA THR A 128 -18.60 13.68 -18.91
C THR A 128 -19.31 12.66 -19.80
N ALA A 129 -18.93 12.59 -21.07
CA ALA A 129 -19.49 11.57 -21.97
C ALA A 129 -18.38 10.72 -22.63
N SER A 130 -18.51 9.41 -22.53
CA SER A 130 -17.56 8.50 -23.16
C SER A 130 -18.23 7.55 -24.13
N VAL A 131 -17.83 7.62 -25.38
CA VAL A 131 -18.36 6.72 -26.40
C VAL A 131 -17.35 5.63 -26.61
N VAL A 132 -17.78 4.38 -26.47
CA VAL A 132 -16.85 3.26 -26.59
C VAL A 132 -17.13 2.45 -27.85
N CYS A 133 -16.06 2.17 -28.60
CA CYS A 133 -16.16 1.35 -29.81
C CYS A 133 -15.43 0.04 -29.55
N LEU A 134 -16.13 -1.06 -29.73
CA LEU A 134 -15.52 -2.35 -29.52
C LEU A 134 -15.26 -3.07 -30.85
N LEU A 135 -14.06 -3.60 -31.01
CA LEU A 135 -13.70 -4.40 -32.16
C LEU A 135 -13.38 -5.79 -31.61
N ASN A 136 -14.28 -6.73 -31.84
CA ASN A 136 -14.21 -8.02 -31.19
C ASN A 136 -13.65 -9.12 -32.06
N ASN A 137 -12.70 -9.86 -31.51
CA ASN A 137 -12.22 -11.11 -32.07
C ASN A 137 -11.73 -11.07 -33.52
N PHE A 138 -10.75 -10.21 -33.77
CA PHE A 138 -10.20 -10.04 -35.12
C PHE A 138 -8.77 -10.53 -35.27
N TYR A 139 -8.41 -10.93 -36.50
CA TYR A 139 -7.03 -11.26 -36.83
C TYR A 139 -6.77 -10.87 -38.29
N PRO A 140 -5.57 -10.32 -38.58
CA PRO A 140 -4.45 -10.09 -37.65
C PRO A 140 -4.61 -8.83 -36.82
N ARG A 141 -3.60 -8.56 -36.01
CA ARG A 141 -3.68 -7.49 -35.03
C ARG A 141 -3.91 -6.13 -35.67
N GLU A 142 -3.24 -5.89 -36.80
CA GLU A 142 -3.28 -4.58 -37.44
C GLU A 142 -4.71 -4.17 -37.83
N ALA A 143 -5.18 -3.05 -37.29
CA ALA A 143 -6.54 -2.54 -37.57
C ALA A 143 -6.54 -1.02 -37.51
N LYS A 144 -7.61 -0.40 -37.99
CA LYS A 144 -7.65 1.05 -37.99
C LYS A 144 -9.01 1.48 -37.53
N VAL A 145 -9.04 2.33 -36.52
CA VAL A 145 -10.29 2.86 -36.00
C VAL A 145 -10.38 4.37 -36.16
N GLN A 146 -11.51 4.84 -36.65
CA GLN A 146 -11.75 6.25 -36.85
C GLN A 146 -13.06 6.75 -36.21
N TRP A 147 -12.97 7.83 -35.44
CA TRP A 147 -14.16 8.42 -34.86
C TRP A 147 -14.60 9.56 -35.73
N LYS A 148 -15.90 9.64 -35.95
CA LYS A 148 -16.42 10.74 -36.78
C LYS A 148 -17.57 11.33 -36.05
N VAL A 149 -17.56 12.61 -35.71
CA VAL A 149 -18.70 13.24 -35.07
C VAL A 149 -19.34 14.21 -36.07
N ASP A 150 -20.60 13.96 -36.39
CA ASP A 150 -21.30 14.71 -37.45
C ASP A 150 -20.55 14.65 -38.79
N ASN A 151 -19.97 13.48 -39.07
CA ASN A 151 -19.20 13.21 -40.29
C ASN A 151 -17.88 13.96 -40.40
N ALA A 152 -17.38 14.42 -39.27
CA ALA A 152 -16.11 15.13 -39.24
C ALA A 152 -15.08 14.24 -38.58
N LEU A 153 -13.99 14.02 -39.30
CA LEU A 153 -12.96 13.15 -38.79
C LEU A 153 -12.35 13.67 -37.46
N GLN A 154 -12.21 12.77 -36.50
CA GLN A 154 -11.68 13.06 -35.19
C GLN A 154 -10.27 12.54 -35.14
N SER A 155 -9.37 13.26 -34.48
CA SER A 155 -8.00 12.78 -34.38
C SER A 155 -7.40 13.17 -33.04
N GLY A 156 -6.60 12.30 -32.45
CA GLY A 156 -5.88 12.67 -31.24
C GLY A 156 -6.66 12.83 -29.95
N ASN A 157 -7.95 12.54 -29.97
CA ASN A 157 -8.78 12.73 -28.80
C ASN A 157 -9.48 11.45 -28.38
N SER A 158 -8.87 10.31 -28.64
CA SER A 158 -9.44 9.05 -28.18
C SER A 158 -8.35 8.16 -27.64
N GLN A 159 -8.74 7.20 -26.82
CA GLN A 159 -7.80 6.23 -26.29
C GLN A 159 -8.24 4.84 -26.72
N GLU A 160 -7.25 3.95 -26.84
CA GLU A 160 -7.49 2.59 -27.24
C GLU A 160 -6.63 1.55 -26.52
N SER A 161 -7.15 0.33 -26.40
CA SER A 161 -6.38 -0.77 -25.86
C SER A 161 -6.71 -1.97 -26.67
N VAL A 162 -5.72 -2.85 -26.74
CA VAL A 162 -5.79 -4.11 -27.45
C VAL A 162 -5.51 -5.20 -26.47
N THR A 163 -6.22 -6.30 -26.56
CA THR A 163 -5.91 -7.46 -25.76
C THR A 163 -4.70 -8.22 -26.32
N GLU A 164 -4.20 -9.21 -25.59
CA GLU A 164 -3.19 -10.12 -26.14
C GLU A 164 -3.96 -11.16 -26.92
N GLN A 165 -3.25 -12.06 -27.61
CA GLN A 165 -3.95 -13.10 -28.36
C GLN A 165 -4.75 -13.96 -27.39
N ASP A 166 -6.01 -14.17 -27.72
CA ASP A 166 -6.89 -14.97 -26.91
C ASP A 166 -6.32 -16.37 -26.79
N SER A 167 -6.53 -17.01 -25.65
CA SER A 167 -5.96 -18.31 -25.37
C SER A 167 -6.65 -19.42 -26.16
N LYS A 168 -7.88 -19.20 -26.62
CA LYS A 168 -8.62 -20.25 -27.35
C LYS A 168 -8.73 -20.05 -28.86
N ASP A 169 -8.91 -18.83 -29.34
CA ASP A 169 -9.17 -18.59 -30.76
C ASP A 169 -8.01 -17.81 -31.40
N SER A 170 -7.11 -17.30 -30.55
CA SER A 170 -5.92 -16.54 -30.95
C SER A 170 -6.20 -15.24 -31.68
N THR A 171 -7.33 -14.62 -31.41
CA THR A 171 -7.68 -13.38 -32.07
C THR A 171 -7.37 -12.22 -31.15
N TYR A 172 -7.50 -11.01 -31.64
CA TYR A 172 -7.33 -9.82 -30.81
C TYR A 172 -8.71 -9.17 -30.67
N SER A 173 -8.82 -8.30 -29.66
CA SER A 173 -9.95 -7.42 -29.45
C SER A 173 -9.43 -6.07 -29.07
N LEU A 174 -10.14 -5.05 -29.51
CA LEU A 174 -9.69 -3.69 -29.28
C LEU A 174 -10.87 -2.88 -28.79
N SER A 175 -10.60 -1.97 -27.86
CA SER A 175 -11.61 -1.05 -27.37
C SER A 175 -11.05 0.35 -27.58
N SER A 176 -11.86 1.22 -28.14
CA SER A 176 -11.54 2.63 -28.31
C SER A 176 -12.61 3.52 -27.60
N THR A 177 -12.16 4.57 -26.92
CA THR A 177 -13.04 5.44 -26.15
C THR A 177 -12.81 6.87 -26.57
N LEU A 178 -13.86 7.54 -27.00
CA LEU A 178 -13.82 8.95 -27.32
C LEU A 178 -14.44 9.64 -26.13
N THR A 179 -13.75 10.57 -25.49
CA THR A 179 -14.35 11.17 -24.31
C THR A 179 -14.49 12.67 -24.51
N LEU A 180 -15.69 13.19 -24.27
CA LEU A 180 -16.01 14.61 -24.43
C LEU A 180 -16.68 15.06 -23.15
N SER A 181 -16.83 16.37 -22.96
CA SER A 181 -17.66 16.90 -21.87
C SER A 181 -19.13 16.70 -22.21
N LYS A 182 -19.96 16.66 -21.18
CA LYS A 182 -21.40 16.59 -21.43
C LYS A 182 -21.87 17.72 -22.36
N ALA A 183 -21.29 18.92 -22.19
CA ALA A 183 -21.60 20.08 -23.02
C ALA A 183 -21.33 19.83 -24.50
N ASP A 184 -20.10 19.44 -24.82
CA ASP A 184 -19.69 19.10 -26.17
C ASP A 184 -20.55 17.98 -26.76
N TYR A 185 -20.79 16.93 -25.97
CA TYR A 185 -21.55 15.76 -26.39
C TYR A 185 -22.98 16.14 -26.81
N GLU A 186 -23.57 17.06 -26.05
CA GLU A 186 -24.92 17.50 -26.33
C GLU A 186 -24.97 18.50 -27.48
N LYS A 187 -23.80 18.84 -28.04
CA LYS A 187 -23.72 19.76 -29.19
C LYS A 187 -23.71 19.02 -30.50
N HIS A 188 -23.74 17.69 -30.45
CA HIS A 188 -23.67 16.91 -31.68
C HIS A 188 -24.70 15.80 -31.69
N LYS A 189 -25.11 15.38 -32.88
CA LYS A 189 -26.15 14.37 -33.00
C LYS A 189 -25.59 12.98 -33.33
N VAL A 190 -24.61 12.91 -34.20
CA VAL A 190 -24.20 11.62 -34.76
C VAL A 190 -22.76 11.18 -34.38
N TYR A 191 -22.67 10.07 -33.66
CA TYR A 191 -21.39 9.53 -33.25
C TYR A 191 -21.10 8.21 -33.97
N ALA A 192 -19.97 8.15 -34.66
CA ALA A 192 -19.63 7.04 -35.56
C ALA A 192 -18.23 6.48 -35.36
N CYS A 193 -18.11 5.18 -35.56
CA CYS A 193 -16.85 4.44 -35.45
C CYS A 193 -16.59 3.71 -36.73
N GLU A 194 -15.56 4.10 -37.47
CA GLU A 194 -15.24 3.44 -38.73
C GLU A 194 -14.01 2.56 -38.63
N VAL A 195 -14.13 1.33 -39.12
CA VAL A 195 -13.06 0.38 -38.95
C VAL A 195 -12.65 -0.29 -40.26
N THR A 196 -11.36 -0.27 -40.52
CA THR A 196 -10.87 -0.94 -41.71
C THR A 196 -10.00 -2.09 -41.25
N HIS A 197 -10.22 -3.24 -41.84
CA HIS A 197 -9.47 -4.42 -41.45
C HIS A 197 -9.40 -5.34 -42.65
N GLN A 198 -8.28 -6.03 -42.81
CA GLN A 198 -8.07 -6.85 -43.99
C GLN A 198 -9.06 -8.00 -44.10
N GLY A 199 -9.82 -8.24 -43.03
CA GLY A 199 -10.85 -9.26 -43.09
C GLY A 199 -12.17 -8.71 -43.59
N LEU A 200 -12.19 -7.41 -43.83
CA LEU A 200 -13.35 -6.70 -44.32
C LEU A 200 -13.12 -6.28 -45.77
N SER A 201 -14.14 -6.56 -46.59
CA SER A 201 -14.13 -6.15 -47.99
C SER A 201 -14.06 -4.62 -48.08
N SER A 202 -14.99 -3.96 -47.41
CA SER A 202 -15.00 -2.51 -47.34
C SER A 202 -15.09 -2.11 -45.88
N PRO A 203 -14.70 -0.86 -45.54
CA PRO A 203 -14.78 -0.35 -44.16
C PRO A 203 -16.16 -0.47 -43.51
N VAL A 204 -16.19 -0.91 -42.25
CA VAL A 204 -17.44 -0.99 -41.48
C VAL A 204 -17.67 0.20 -40.53
N THR A 205 -18.90 0.68 -40.50
CA THR A 205 -19.24 1.80 -39.63
C THR A 205 -20.38 1.41 -38.73
N LYS A 206 -20.16 1.55 -37.43
CA LYS A 206 -21.25 1.51 -36.45
C LYS A 206 -21.50 2.93 -35.96
N SER A 207 -22.75 3.29 -35.68
CA SER A 207 -23.03 4.67 -35.27
C SER A 207 -24.37 4.75 -34.57
N PHE A 208 -24.62 5.89 -33.92
CA PHE A 208 -25.89 6.13 -33.25
C PHE A 208 -26.18 7.61 -33.24
N ASN A 209 -27.44 7.95 -32.92
CA ASN A 209 -27.85 9.34 -32.89
C ASN A 209 -28.32 9.64 -31.48
N ARG A 210 -27.55 10.48 -30.80
CA ARG A 210 -27.83 10.97 -29.44
C ARG A 210 -29.30 11.03 -29.01
N GLY A 211 -30.13 11.78 -29.72
CA GLY A 211 -31.51 11.91 -29.28
C GLY A 211 -32.41 10.68 -29.44
N GLU A 212 -31.85 9.54 -29.81
CA GLU A 212 -32.68 8.47 -30.36
C GLU A 212 -32.22 7.09 -29.90
N GLU B 1 13.22 -22.37 -2.61
CA GLU B 1 14.48 -22.28 -1.85
C GLU B 1 15.42 -21.13 -2.19
N PHE B 2 15.76 -20.89 -3.47
CA PHE B 2 16.39 -19.61 -3.83
C PHE B 2 15.31 -18.57 -3.68
N GLN B 3 15.62 -17.43 -3.08
CA GLN B 3 14.64 -16.37 -2.98
C GLN B 3 15.26 -15.01 -3.16
N LEU B 4 14.61 -14.16 -3.95
CA LEU B 4 14.91 -12.73 -3.96
C LEU B 4 13.61 -11.98 -3.79
N VAL B 5 13.35 -11.59 -2.55
CA VAL B 5 12.13 -10.90 -2.20
C VAL B 5 12.37 -9.42 -2.29
N GLU B 6 11.51 -8.77 -3.05
CA GLU B 6 11.61 -7.36 -3.35
C GLU B 6 10.57 -6.60 -2.58
N SER B 7 10.85 -5.33 -2.31
CA SER B 7 9.92 -4.49 -1.61
C SER B 7 8.56 -4.45 -2.37
N GLY B 8 7.48 -4.13 -1.64
CA GLY B 8 6.15 -4.12 -2.23
C GLY B 8 5.90 -2.91 -3.11
N ALA B 9 4.81 -2.96 -3.87
CA ALA B 9 4.51 -1.90 -4.82
C ALA B 9 4.43 -0.53 -4.12
N GLU B 10 5.00 0.45 -4.80
CA GLU B 10 5.17 1.76 -4.27
C GLU B 10 4.65 2.82 -5.21
N VAL B 11 4.13 3.91 -4.65
CA VAL B 11 3.76 5.07 -5.43
C VAL B 11 4.56 6.26 -4.89
N LYS B 12 5.19 7.00 -5.80
CA LYS B 12 6.02 8.13 -5.37
C LYS B 12 5.65 9.30 -6.22
N LYS B 13 5.73 10.49 -5.62
CA LYS B 13 5.50 11.73 -6.34
C LYS B 13 6.65 12.05 -7.32
N PRO B 14 6.33 12.74 -8.43
CA PRO B 14 7.39 13.18 -9.35
C PRO B 14 8.43 14.04 -8.65
N GLY B 15 9.70 13.77 -8.95
CA GLY B 15 10.80 14.51 -8.38
C GLY B 15 11.33 13.88 -7.11
N ALA B 16 10.55 12.95 -6.57
CA ALA B 16 10.93 12.27 -5.35
C ALA B 16 11.93 11.14 -5.63
N SER B 17 12.22 10.37 -4.60
CA SER B 17 13.17 9.28 -4.67
C SER B 17 12.51 7.98 -4.28
N VAL B 18 13.06 6.89 -4.76
CA VAL B 18 12.56 5.58 -4.33
C VAL B 18 13.75 4.72 -3.91
N LYS B 19 13.54 3.87 -2.92
CA LYS B 19 14.57 2.95 -2.48
C LYS B 19 13.94 1.55 -2.41
N VAL B 20 14.22 0.73 -3.42
CA VAL B 20 13.71 -0.63 -3.53
C VAL B 20 14.67 -1.59 -2.92
N SER B 21 14.19 -2.49 -2.06
CA SER B 21 15.09 -3.44 -1.43
C SER B 21 14.96 -4.84 -2.04
N CYS B 22 16.05 -5.58 -2.00
CA CYS B 22 16.08 -6.94 -2.48
C CYS B 22 16.70 -7.83 -1.43
N LYS B 23 15.85 -8.59 -0.72
CA LYS B 23 16.34 -9.51 0.29
C LYS B 23 16.61 -10.87 -0.33
N ALA B 24 17.86 -11.30 -0.29
CA ALA B 24 18.27 -12.55 -0.89
C ALA B 24 18.37 -13.64 0.16
N SER B 25 18.13 -14.87 -0.26
CA SER B 25 18.13 -15.99 0.68
C SER B 25 18.14 -17.31 -0.08
N GLY B 26 18.70 -18.33 0.56
CA GLY B 26 18.70 -19.68 0.03
C GLY B 26 19.99 -20.02 -0.71
N TYR B 27 20.91 -19.09 -0.78
CA TYR B 27 22.20 -19.29 -1.46
C TYR B 27 23.16 -18.32 -0.81
N SER B 28 24.48 -18.51 -0.94
CA SER B 28 25.42 -17.60 -0.30
C SER B 28 25.49 -16.22 -0.98
N PHE B 29 25.20 -15.17 -0.22
CA PHE B 29 24.99 -13.80 -0.69
C PHE B 29 26.16 -13.17 -1.45
N THR B 30 27.37 -13.42 -0.95
CA THR B 30 28.57 -12.76 -1.41
C THR B 30 29.09 -13.39 -2.67
N SER B 31 28.54 -14.55 -3.02
CA SER B 31 29.04 -15.31 -4.18
C SER B 31 28.41 -14.97 -5.55
N TYR B 32 27.46 -14.07 -5.59
CA TYR B 32 26.73 -13.74 -6.82
C TYR B 32 26.54 -12.27 -6.95
N TYR B 33 26.56 -11.75 -8.18
CA TYR B 33 26.20 -10.36 -8.34
C TYR B 33 24.70 -10.21 -8.30
N VAL B 34 24.27 -9.00 -8.02
CA VAL B 34 22.86 -8.68 -8.13
C VAL B 34 22.62 -7.62 -9.18
N HIS B 35 21.75 -7.94 -10.13
CA HIS B 35 21.46 -7.05 -11.22
C HIS B 35 20.12 -6.41 -10.96
N TRP B 36 19.94 -5.22 -11.52
CA TRP B 36 18.66 -4.55 -11.50
C TRP B 36 18.23 -4.26 -12.94
N VAL B 37 17.01 -4.68 -13.30
CA VAL B 37 16.49 -4.57 -14.66
C VAL B 37 15.08 -4.07 -14.53
N ARG B 38 14.66 -3.16 -15.38
CA ARG B 38 13.31 -2.63 -15.24
C ARG B 38 12.50 -2.78 -16.54
N GLU B 39 11.18 -2.65 -16.43
CA GLU B 39 10.31 -2.69 -17.59
C GLU B 39 9.16 -1.72 -17.47
N ALA B 40 9.27 -0.60 -18.16
CA ALA B 40 8.19 0.36 -18.21
C ALA B 40 7.10 -0.17 -19.11
N PRO B 41 5.84 0.13 -18.80
CA PRO B 41 4.72 -0.38 -19.59
C PRO B 41 4.89 -0.04 -21.07
N GLY B 42 4.85 -1.04 -21.95
CA GLY B 42 5.03 -0.83 -23.37
C GLY B 42 6.46 -0.68 -23.87
N GLU B 43 7.44 -0.95 -23.01
CA GLU B 43 8.83 -0.82 -23.44
C GLU B 43 9.52 -2.16 -23.21
N GLY B 44 10.72 -2.34 -23.73
CA GLY B 44 11.42 -3.58 -23.48
C GLY B 44 12.25 -3.57 -22.23
N LEU B 45 12.83 -4.71 -21.92
CA LEU B 45 13.68 -4.84 -20.75
C LEU B 45 14.82 -3.83 -20.75
N GLU B 46 15.07 -3.22 -19.60
CA GLU B 46 16.12 -2.23 -19.48
C GLU B 46 17.05 -2.58 -18.30
N TRP B 47 18.33 -2.79 -18.64
CA TRP B 47 19.31 -3.11 -17.63
C TRP B 47 19.84 -1.84 -17.00
N MET B 48 19.83 -1.79 -15.68
CA MET B 48 20.25 -0.60 -14.95
C MET B 48 21.70 -0.66 -14.42
N GLY B 49 22.09 -1.82 -13.90
CA GLY B 49 23.37 -1.93 -13.28
C GLY B 49 23.51 -3.19 -12.46
N MET B 50 24.72 -3.38 -11.95
CA MET B 50 25.15 -4.52 -11.19
C MET B 50 25.74 -4.06 -9.88
N ILE B 51 25.83 -4.94 -8.90
CA ILE B 51 26.58 -4.69 -7.69
C ILE B 51 27.23 -5.96 -7.18
N ASN B 52 28.49 -5.87 -6.74
CA ASN B 52 29.13 -7.03 -6.14
C ASN B 52 28.94 -6.95 -4.62
N PRO B 53 28.15 -7.89 -4.05
CA PRO B 53 27.84 -7.76 -2.61
C PRO B 53 29.01 -8.12 -1.76
N SER B 54 30.06 -8.65 -2.38
CA SER B 54 31.27 -8.99 -1.66
C SER B 54 32.01 -7.69 -1.28
N ASP B 55 32.16 -6.75 -2.22
CA ASP B 55 32.88 -5.50 -1.94
C ASP B 55 32.00 -4.26 -1.94
N GLY B 56 30.89 -4.32 -2.66
CA GLY B 56 30.03 -3.16 -2.83
C GLY B 56 30.31 -2.42 -4.13
N SER B 57 31.20 -2.99 -4.96
CA SER B 57 31.49 -2.45 -6.29
C SER B 57 30.24 -2.44 -7.17
N THR B 58 30.05 -1.33 -7.87
CA THR B 58 28.91 -1.15 -8.73
C THR B 58 29.34 -0.93 -10.18
N TYR B 59 28.44 -1.29 -11.07
CA TYR B 59 28.64 -1.00 -12.48
C TYR B 59 27.30 -0.58 -13.03
N TYR B 60 27.18 0.69 -13.38
CA TYR B 60 25.89 1.19 -13.85
C TYR B 60 25.84 1.35 -15.38
N ALA B 61 24.62 1.34 -15.92
CA ALA B 61 24.44 1.76 -17.28
C ALA B 61 24.61 3.27 -17.26
N GLN B 62 25.21 3.83 -18.29
CA GLN B 62 25.45 5.29 -18.35
C GLN B 62 24.14 6.04 -18.18
N ARG B 63 23.07 5.46 -18.68
CA ARG B 63 21.79 6.14 -18.69
C ARG B 63 21.17 6.41 -17.28
N PHE B 64 21.62 5.67 -16.27
CA PHE B 64 21.06 5.78 -14.94
C PHE B 64 22.11 6.28 -13.98
N GLN B 65 23.34 6.42 -14.49
CA GLN B 65 24.52 6.71 -13.70
C GLN B 65 24.41 7.81 -12.66
N PRO B 66 23.76 8.95 -13.00
CA PRO B 66 23.75 10.00 -11.99
C PRO B 66 22.57 9.97 -11.03
N ARG B 67 21.57 9.16 -11.30
CA ARG B 67 20.36 9.13 -10.48
C ARG B 67 20.17 7.88 -9.69
N VAL B 68 20.88 6.84 -10.09
CA VAL B 68 20.73 5.53 -9.49
C VAL B 68 21.92 5.12 -8.67
N THR B 69 21.67 4.79 -7.41
CA THR B 69 22.71 4.29 -6.51
C THR B 69 22.31 2.90 -5.95
N MET B 70 23.22 1.94 -6.04
CA MET B 70 22.96 0.60 -5.56
C MET B 70 23.89 0.35 -4.38
N THR B 71 23.36 -0.25 -3.32
CA THR B 71 24.13 -0.49 -2.09
C THR B 71 23.74 -1.88 -1.64
N ARG B 72 24.52 -2.44 -0.72
CA ARG B 72 24.13 -3.72 -0.10
C ARG B 72 24.36 -3.65 1.36
N ASP B 73 23.67 -4.54 2.08
CA ASP B 73 23.89 -4.78 3.50
C ASP B 73 24.12 -6.26 3.65
N THR B 74 25.35 -6.63 3.93
CA THR B 74 25.66 -8.05 4.03
C THR B 74 25.09 -8.70 5.29
N SER B 75 24.94 -7.92 6.36
CA SER B 75 24.47 -8.49 7.62
C SER B 75 23.04 -8.98 7.44
N THR B 76 22.29 -8.32 6.57
CA THR B 76 20.94 -8.76 6.28
C THR B 76 20.78 -9.39 4.87
N THR B 77 21.90 -9.60 4.19
CA THR B 77 21.94 -10.13 2.80
C THR B 77 20.92 -9.47 1.90
N THR B 78 20.86 -8.16 1.95
CA THR B 78 19.89 -7.38 1.22
C THR B 78 20.60 -6.37 0.30
N VAL B 79 20.05 -6.20 -0.90
CA VAL B 79 20.57 -5.24 -1.88
C VAL B 79 19.56 -4.12 -2.07
N PHE B 80 20.05 -2.91 -2.28
CA PHE B 80 19.19 -1.76 -2.48
C PHE B 80 19.40 -1.06 -3.84
N MET B 81 18.32 -0.56 -4.40
CA MET B 81 18.37 0.24 -5.61
C MET B 81 17.67 1.54 -5.26
N GLU B 82 18.41 2.65 -5.27
CA GLU B 82 17.81 3.95 -5.01
C GLU B 82 17.83 4.80 -6.27
N MET B 83 16.67 5.34 -6.62
CA MET B 83 16.54 6.21 -7.78
C MET B 83 15.98 7.56 -7.40
N SER B 84 16.65 8.63 -7.81
CA SER B 84 16.23 9.97 -7.43
C SER B 84 15.74 10.76 -8.63
N GLY B 85 14.93 11.79 -8.36
CA GLY B 85 14.41 12.64 -9.40
C GLY B 85 13.45 11.87 -10.29
N LEU B 86 12.57 11.10 -9.67
CA LEU B 86 11.63 10.22 -10.39
C LEU B 86 10.71 11.00 -11.29
N ARG B 87 10.49 10.46 -12.48
CA ARG B 87 9.67 11.13 -13.44
C ARG B 87 8.64 10.09 -13.83
N SER B 88 7.59 10.47 -14.54
CA SER B 88 6.57 9.49 -14.88
C SER B 88 7.20 8.36 -15.73
N GLU B 89 8.22 8.68 -16.53
CA GLU B 89 8.89 7.68 -17.37
C GLU B 89 9.61 6.62 -16.53
N ASP B 90 9.67 6.81 -15.23
CA ASP B 90 10.32 5.87 -14.33
C ASP B 90 9.32 4.89 -13.75
N THR B 91 8.06 5.05 -14.15
CA THR B 91 7.04 4.09 -13.78
C THR B 91 7.31 2.77 -14.48
N ALA B 92 7.59 1.72 -13.71
CA ALA B 92 7.99 0.43 -14.27
C ALA B 92 7.91 -0.64 -13.21
N VAL B 93 8.03 -1.90 -13.64
CA VAL B 93 8.30 -2.96 -12.70
C VAL B 93 9.83 -3.07 -12.61
N TYR B 94 10.36 -3.08 -11.39
CA TYR B 94 11.81 -3.14 -11.20
C TYR B 94 12.21 -4.48 -10.64
N TYR B 95 13.07 -5.18 -11.36
CA TYR B 95 13.51 -6.49 -10.95
C TYR B 95 14.92 -6.45 -10.42
N CYS B 96 15.19 -7.30 -9.46
CA CYS B 96 16.55 -7.61 -9.05
C CYS B 96 16.81 -9.05 -9.45
N ALA B 97 18.05 -9.39 -9.80
CA ALA B 97 18.31 -10.75 -10.23
C ALA B 97 19.72 -11.15 -9.83
N ARG B 98 19.91 -12.44 -9.60
CA ARG B 98 21.15 -13.03 -9.14
C ARG B 98 21.96 -13.47 -10.35
N GLY B 99 23.23 -13.08 -10.37
CA GLY B 99 24.13 -13.38 -11.48
C GLY B 99 25.59 -13.72 -11.21
N VAL B 100 26.06 -14.79 -11.83
CA VAL B 100 27.48 -15.13 -11.83
C VAL B 100 28.18 -14.30 -12.94
N VAL B 101 29.42 -13.89 -12.70
CA VAL B 101 30.15 -13.04 -13.64
C VAL B 101 31.59 -13.60 -13.81
N GLY B 102 32.28 -13.29 -14.92
CA GLY B 102 33.66 -13.73 -15.13
C GLY B 102 33.92 -15.00 -15.91
N ALA B 103 34.21 -16.09 -15.21
CA ALA B 103 34.49 -17.35 -15.88
C ALA B 103 33.26 -17.81 -16.64
N THR B 104 32.09 -17.44 -16.14
CA THR B 104 30.87 -17.62 -16.89
C THR B 104 30.06 -16.39 -16.57
N ASN B 105 29.19 -15.97 -17.47
CA ASN B 105 28.40 -14.76 -17.29
C ASN B 105 26.92 -14.94 -17.65
N GLU B 106 26.09 -14.94 -16.62
CA GLU B 106 24.65 -15.12 -16.78
C GLU B 106 23.89 -14.62 -15.57
N ILE B 107 22.64 -14.29 -15.82
CA ILE B 107 21.66 -14.00 -14.81
C ILE B 107 20.73 -15.21 -14.74
N ASP B 108 20.79 -15.95 -13.64
CA ASP B 108 20.06 -17.22 -13.59
C ASP B 108 18.79 -17.22 -12.73
N PHE B 109 18.72 -16.37 -11.71
CA PHE B 109 17.54 -16.31 -10.83
C PHE B 109 16.94 -14.89 -10.71
N TRP B 110 15.62 -14.75 -10.67
CA TRP B 110 14.99 -13.41 -10.71
C TRP B 110 14.03 -13.16 -9.54
N GLY B 111 13.88 -11.90 -9.13
CA GLY B 111 12.93 -11.55 -8.11
C GLY B 111 11.55 -11.41 -8.74
N GLN B 112 10.53 -11.23 -7.91
CA GLN B 112 9.17 -11.13 -8.40
C GLN B 112 8.95 -9.79 -9.08
N GLY B 113 9.79 -8.81 -8.75
CA GLY B 113 9.64 -7.47 -9.31
C GLY B 113 8.80 -6.56 -8.44
N THR B 114 9.10 -5.26 -8.51
CA THR B 114 8.34 -4.27 -7.77
C THR B 114 7.80 -3.20 -8.69
N THR B 115 6.49 -2.93 -8.64
CA THR B 115 5.96 -1.80 -9.38
C THR B 115 6.19 -0.50 -8.61
N VAL B 116 6.82 0.45 -9.26
CA VAL B 116 6.88 1.78 -8.77
C VAL B 116 6.07 2.64 -9.72
N THR B 117 5.11 3.36 -9.19
CA THR B 117 4.32 4.24 -10.02
C THR B 117 4.70 5.65 -9.65
N VAL B 118 4.94 6.49 -10.66
CA VAL B 118 5.34 7.88 -10.37
C VAL B 118 4.23 8.83 -10.84
N SER B 119 3.53 9.45 -9.89
CA SER B 119 2.38 10.29 -10.21
C SER B 119 2.01 11.18 -9.02
N SER B 120 1.31 12.27 -9.29
CA SER B 120 0.88 13.14 -8.21
C SER B 120 -0.57 12.88 -7.84
N ALA B 121 -1.19 11.91 -8.51
CA ALA B 121 -2.59 11.61 -8.27
C ALA B 121 -2.79 10.95 -6.91
N SER B 122 -3.91 11.26 -6.28
CA SER B 122 -4.26 10.62 -5.01
C SER B 122 -5.02 9.34 -5.31
N PHE B 123 -4.94 8.37 -4.41
CA PHE B 123 -5.69 7.16 -4.56
C PHE B 123 -7.18 7.47 -4.69
N LYS B 124 -7.83 6.74 -5.58
CA LYS B 124 -9.21 6.99 -5.90
C LYS B 124 -9.81 5.72 -6.48
N GLY B 125 -10.96 5.34 -5.95
CA GLY B 125 -11.69 4.19 -6.43
C GLY B 125 -12.40 4.55 -7.71
N PRO B 126 -12.74 3.56 -8.53
CA PRO B 126 -13.31 3.88 -9.85
C PRO B 126 -14.79 4.25 -9.87
N SER B 127 -15.18 5.05 -10.87
CA SER B 127 -16.61 5.16 -11.22
C SER B 127 -16.85 4.08 -12.27
N VAL B 128 -17.92 3.33 -12.09
CA VAL B 128 -18.23 2.21 -12.97
C VAL B 128 -19.50 2.49 -13.79
N PHE B 129 -19.36 2.57 -15.11
CA PHE B 129 -20.49 2.87 -15.97
C PHE B 129 -20.84 1.69 -16.86
N PRO B 130 -22.13 1.50 -17.13
CA PRO B 130 -22.57 0.36 -17.94
C PRO B 130 -22.36 0.58 -19.42
N LEU B 131 -21.97 -0.48 -20.12
CA LEU B 131 -21.95 -0.51 -21.57
C LEU B 131 -23.13 -1.38 -22.04
N ALA B 132 -24.27 -0.73 -22.20
CA ALA B 132 -25.55 -1.36 -22.45
C ALA B 132 -25.56 -2.06 -23.78
N PRO B 133 -26.15 -3.27 -23.82
CA PRO B 133 -26.28 -4.07 -25.03
C PRO B 133 -27.06 -3.36 -26.12
N SER B 134 -26.42 -3.35 -27.28
CA SER B 134 -26.92 -2.78 -28.52
C SER B 134 -26.30 -3.57 -29.68
N GLY B 141 -26.58 -12.86 -33.80
CA GLY B 141 -27.26 -13.65 -32.77
C GLY B 141 -26.72 -13.45 -31.35
N THR B 142 -25.60 -12.71 -31.25
CA THR B 142 -24.88 -12.56 -29.99
C THR B 142 -24.87 -11.10 -29.62
N ALA B 143 -24.89 -10.80 -28.33
CA ALA B 143 -24.93 -9.41 -27.86
C ALA B 143 -23.72 -9.11 -27.01
N ALA B 144 -23.16 -7.91 -27.20
CA ALA B 144 -22.04 -7.47 -26.38
C ALA B 144 -22.54 -6.47 -25.37
N LEU B 145 -22.01 -6.57 -24.16
CA LEU B 145 -22.31 -5.58 -23.15
C LEU B 145 -21.06 -5.48 -22.30
N GLY B 146 -21.00 -4.47 -21.45
CA GLY B 146 -19.84 -4.35 -20.60
C GLY B 146 -19.91 -3.29 -19.53
N CYS B 147 -18.72 -2.89 -19.08
CA CYS B 147 -18.49 -1.99 -17.96
C CYS B 147 -17.32 -1.11 -18.26
N LEU B 148 -17.59 0.19 -18.28
CA LEU B 148 -16.54 1.18 -18.45
C LEU B 148 -16.09 1.59 -17.02
N VAL B 149 -14.85 1.22 -16.69
CA VAL B 149 -14.29 1.45 -15.36
C VAL B 149 -13.40 2.70 -15.38
N LYS B 150 -13.99 3.84 -15.04
CA LYS B 150 -13.34 5.13 -15.25
C LYS B 150 -12.78 5.80 -13.96
N ASP B 151 -11.67 6.52 -14.14
CA ASP B 151 -11.09 7.42 -13.13
C ASP B 151 -10.66 6.83 -11.80
N TYR B 152 -9.77 5.84 -11.86
CA TYR B 152 -9.19 5.22 -10.65
C TYR B 152 -7.68 5.40 -10.60
N PHE B 153 -7.12 5.36 -9.40
CA PHE B 153 -5.67 5.35 -9.20
C PHE B 153 -5.29 4.67 -7.87
N PRO B 154 -4.23 3.85 -7.86
CA PRO B 154 -3.42 3.41 -8.99
C PRO B 154 -3.90 2.12 -9.59
N GLU B 155 -3.06 1.52 -10.42
CA GLU B 155 -3.29 0.18 -10.90
C GLU B 155 -3.08 -0.81 -9.78
N PRO B 156 -3.76 -1.96 -9.83
CA PRO B 156 -4.66 -2.49 -10.83
C PRO B 156 -6.12 -2.53 -10.34
N VAL B 157 -6.99 -2.91 -11.26
CA VAL B 157 -8.40 -3.23 -11.06
C VAL B 157 -8.66 -4.65 -11.57
N THR B 158 -9.55 -5.37 -10.91
CA THR B 158 -10.02 -6.67 -11.37
C THR B 158 -11.52 -6.56 -11.66
N VAL B 159 -11.93 -7.17 -12.77
CA VAL B 159 -13.32 -7.22 -13.13
C VAL B 159 -13.72 -8.66 -13.32
N SER B 160 -14.83 -9.09 -12.71
CA SER B 160 -15.34 -10.41 -12.99
C SER B 160 -16.81 -10.26 -13.33
N TRP B 161 -17.41 -11.28 -13.93
CA TRP B 161 -18.83 -11.20 -14.25
C TRP B 161 -19.56 -12.31 -13.56
N ASN B 162 -20.64 -11.92 -12.91
CA ASN B 162 -21.50 -12.85 -12.19
C ASN B 162 -20.79 -13.74 -11.13
N SER B 163 -19.78 -13.17 -10.45
CA SER B 163 -19.13 -13.82 -9.30
C SER B 163 -18.20 -15.08 -9.27
N GLY B 164 -17.68 -15.66 -10.36
CA GLY B 164 -17.89 -15.30 -11.74
C GLY B 164 -18.40 -16.53 -12.50
N ALA B 165 -19.72 -16.55 -12.69
CA ALA B 165 -20.41 -17.56 -13.50
C ALA B 165 -20.09 -17.38 -15.00
N LEU B 166 -19.82 -16.14 -15.38
CA LEU B 166 -19.52 -15.76 -16.75
C LEU B 166 -18.02 -15.47 -16.90
N THR B 167 -17.33 -16.35 -17.63
CA THR B 167 -15.90 -16.18 -17.94
C THR B 167 -15.61 -16.23 -19.41
N SER B 168 -16.61 -16.68 -20.05
CA SER B 168 -16.52 -16.97 -21.47
C SER B 168 -16.86 -15.80 -22.47
N GLY B 169 -15.90 -15.54 -23.33
CA GLY B 169 -16.05 -14.46 -24.26
C GLY B 169 -15.78 -13.11 -23.59
N VAL B 170 -15.23 -13.15 -22.38
CA VAL B 170 -14.89 -11.87 -21.65
C VAL B 170 -13.54 -11.29 -22.04
N HIS B 171 -13.53 -10.00 -22.29
CA HIS B 171 -12.28 -9.30 -22.49
C HIS B 171 -12.21 -8.12 -21.57
N THR B 172 -11.24 -8.13 -20.69
CA THR B 172 -10.94 -6.99 -19.84
C THR B 172 -9.70 -6.32 -20.40
N PHE B 173 -9.87 -5.09 -20.88
CA PHE B 173 -8.83 -4.38 -21.62
C PHE B 173 -7.73 -3.81 -20.74
N PRO B 174 -6.52 -3.73 -21.29
CA PRO B 174 -5.48 -3.05 -20.51
C PRO B 174 -5.89 -1.59 -20.29
N ALA B 175 -5.52 -1.06 -19.13
CA ALA B 175 -5.92 0.28 -18.72
C ALA B 175 -5.13 1.34 -19.47
N VAL B 176 -5.74 2.51 -19.59
CA VAL B 176 -5.05 3.61 -20.18
C VAL B 176 -4.87 4.73 -19.16
N LEU B 177 -3.79 5.48 -19.28
CA LEU B 177 -3.57 6.58 -18.40
C LEU B 177 -4.21 7.78 -19.12
N GLN B 178 -5.22 8.39 -18.51
CA GLN B 178 -5.89 9.55 -19.09
C GLN B 178 -5.11 10.80 -18.77
N SER B 179 -5.45 11.91 -19.42
CA SER B 179 -4.74 13.16 -19.17
C SER B 179 -4.86 13.64 -17.72
N SER B 180 -5.96 13.28 -17.08
CA SER B 180 -6.19 13.60 -15.67
C SER B 180 -5.16 12.96 -14.76
N GLY B 181 -4.55 11.89 -15.23
CA GLY B 181 -3.62 11.10 -14.44
C GLY B 181 -4.30 9.90 -13.77
N LEU B 182 -5.58 9.71 -14.08
CA LEU B 182 -6.36 8.57 -13.60
C LEU B 182 -6.43 7.50 -14.70
N TYR B 183 -6.53 6.23 -14.29
CA TYR B 183 -6.63 5.14 -15.25
C TYR B 183 -8.08 4.90 -15.68
N SER B 184 -8.27 4.10 -16.71
CA SER B 184 -9.60 3.83 -17.23
C SER B 184 -9.56 2.59 -18.10
N LEU B 185 -10.55 1.72 -17.96
CA LEU B 185 -10.62 0.54 -18.80
C LEU B 185 -12.04 0.09 -19.04
N SER B 186 -12.18 -0.85 -19.97
CA SER B 186 -13.45 -1.50 -20.26
C SER B 186 -13.30 -2.99 -20.10
N SER B 187 -14.36 -3.61 -19.64
CA SER B 187 -14.46 -5.04 -19.61
C SER B 187 -15.73 -5.30 -20.42
N VAL B 188 -15.64 -6.18 -21.41
CA VAL B 188 -16.77 -6.51 -22.24
C VAL B 188 -16.95 -8.01 -22.24
N VAL B 189 -18.19 -8.45 -22.42
CA VAL B 189 -18.54 -9.85 -22.60
C VAL B 189 -19.59 -10.01 -23.71
N THR B 190 -19.54 -11.13 -24.40
CA THR B 190 -20.63 -11.45 -25.32
C THR B 190 -21.63 -12.44 -24.69
N VAL B 191 -22.92 -12.18 -24.84
CA VAL B 191 -23.91 -13.07 -24.26
C VAL B 191 -24.97 -13.36 -25.31
N PRO B 192 -25.77 -14.42 -25.10
CA PRO B 192 -26.87 -14.61 -26.06
C PRO B 192 -27.87 -13.47 -26.02
N SER B 193 -28.24 -12.96 -27.18
CA SER B 193 -29.27 -11.96 -27.29
C SER B 193 -30.57 -12.43 -26.62
N SER B 194 -30.75 -13.74 -26.52
CA SER B 194 -31.95 -14.29 -25.93
C SER B 194 -31.98 -14.13 -24.43
N SER B 195 -30.80 -13.97 -23.84
CA SER B 195 -30.63 -13.80 -22.40
C SER B 195 -31.03 -12.42 -21.85
N LEU B 196 -31.01 -11.40 -22.70
CA LEU B 196 -31.28 -10.05 -22.25
C LEU B 196 -32.66 -9.86 -21.62
N GLY B 197 -33.56 -10.80 -21.90
CA GLY B 197 -34.87 -10.78 -21.30
C GLY B 197 -34.89 -11.50 -19.95
N THR B 198 -33.98 -12.45 -19.80
CA THR B 198 -33.92 -13.26 -18.61
C THR B 198 -32.81 -13.01 -17.64
N GLN B 199 -31.65 -12.68 -18.16
CA GLN B 199 -30.47 -12.64 -17.33
C GLN B 199 -29.99 -11.27 -17.01
N THR B 200 -29.59 -11.15 -15.75
CA THR B 200 -29.15 -9.91 -15.20
C THR B 200 -27.63 -10.03 -15.20
N TYR B 201 -27.00 -8.98 -15.68
CA TYR B 201 -25.58 -8.99 -15.84
C TYR B 201 -24.90 -8.00 -14.96
N ILE B 202 -24.09 -8.51 -14.04
CA ILE B 202 -23.36 -7.66 -13.13
C ILE B 202 -21.84 -7.69 -13.32
N CYS B 203 -21.20 -6.52 -13.44
CA CYS B 203 -19.72 -6.47 -13.38
C CYS B 203 -19.31 -6.31 -11.90
N ASN B 204 -18.33 -7.09 -11.48
CA ASN B 204 -17.79 -6.98 -10.14
C ASN B 204 -16.40 -6.38 -10.26
N VAL B 205 -16.32 -5.07 -9.98
CA VAL B 205 -15.06 -4.35 -10.10
C VAL B 205 -14.38 -4.26 -8.74
N ASN B 206 -13.14 -4.74 -8.65
CA ASN B 206 -12.42 -4.67 -7.39
C ASN B 206 -11.11 -3.88 -7.51
N HIS B 207 -11.09 -2.68 -6.91
CA HIS B 207 -9.89 -1.88 -6.80
C HIS B 207 -9.26 -2.08 -5.44
N LYS B 208 -8.43 -3.10 -5.30
CA LYS B 208 -7.77 -3.39 -4.03
C LYS B 208 -6.99 -2.22 -3.41
N PRO B 209 -6.20 -1.48 -4.24
CA PRO B 209 -5.42 -0.38 -3.64
C PRO B 209 -6.24 0.66 -2.87
N SER B 210 -7.52 0.86 -3.18
CA SER B 210 -8.30 1.85 -2.43
C SER B 210 -9.39 1.24 -1.55
N ASN B 211 -9.35 -0.08 -1.39
CA ASN B 211 -10.37 -0.83 -0.66
C ASN B 211 -11.76 -0.59 -1.26
N THR B 212 -11.83 -0.58 -2.59
CA THR B 212 -13.07 -0.30 -3.28
C THR B 212 -13.60 -1.48 -4.07
N LYS B 213 -14.88 -1.77 -3.84
CA LYS B 213 -15.62 -2.79 -4.58
C LYS B 213 -16.90 -2.14 -5.08
N VAL B 214 -17.13 -2.29 -6.38
CA VAL B 214 -18.32 -1.77 -7.02
C VAL B 214 -18.99 -2.86 -7.83
N ASP B 215 -20.30 -2.94 -7.72
CA ASP B 215 -21.04 -3.90 -8.55
C ASP B 215 -22.05 -3.14 -9.38
N LYS B 216 -21.92 -3.18 -10.69
CA LYS B 216 -22.83 -2.39 -11.53
C LYS B 216 -23.61 -3.33 -12.39
N LYS B 217 -24.93 -3.23 -12.28
CA LYS B 217 -25.79 -4.01 -13.13
C LYS B 217 -25.87 -3.39 -14.54
N VAL B 218 -25.67 -4.22 -15.57
CA VAL B 218 -25.68 -3.72 -16.93
C VAL B 218 -26.95 -4.17 -17.62
N GLU B 219 -27.84 -3.21 -17.86
CA GLU B 219 -29.17 -3.49 -18.40
C GLU B 219 -29.41 -2.95 -19.79
N PRO B 220 -30.22 -3.66 -20.57
CA PRO B 220 -30.45 -3.21 -21.94
C PRO B 220 -31.36 -1.97 -22.02
N ILE C 2 -6.51 -20.12 32.31
CA ILE C 2 -5.84 -19.47 33.44
C ILE C 2 -5.71 -17.99 33.18
N ARG C 3 -6.20 -17.16 34.08
CA ARG C 3 -6.15 -15.71 33.89
C ARG C 3 -4.98 -15.07 34.63
N LEU C 4 -4.50 -13.94 34.11
CA LEU C 4 -3.38 -13.23 34.73
C LEU C 4 -3.90 -11.85 35.08
N THR C 5 -3.71 -11.45 36.33
CA THR C 5 -4.17 -10.15 36.73
C THR C 5 -3.01 -9.33 37.22
N GLN C 6 -2.86 -8.14 36.65
CA GLN C 6 -1.76 -7.25 36.93
C GLN C 6 -2.19 -6.05 37.78
N SER C 7 -1.34 -5.63 38.69
CA SER C 7 -1.70 -4.54 39.57
C SER C 7 -0.53 -3.60 39.90
N PRO C 8 -0.80 -2.28 39.93
CA PRO C 8 -2.12 -1.74 39.61
C PRO C 8 -2.20 -1.60 38.11
N SER C 9 -3.27 -1.03 37.56
CA SER C 9 -3.36 -0.78 36.12
C SER C 9 -2.61 0.48 35.69
N SER C 10 -2.69 1.49 36.55
CA SER C 10 -2.07 2.77 36.30
C SER C 10 -1.31 3.18 37.57
N LEU C 11 -0.14 3.78 37.40
CA LEU C 11 0.72 4.18 38.51
C LEU C 11 1.44 5.50 38.25
N SER C 12 1.63 6.34 39.24
CA SER C 12 2.40 7.58 39.03
C SER C 12 3.66 7.59 39.88
N ALA C 13 4.78 8.00 39.30
CA ALA C 13 6.05 7.91 40.04
C ALA C 13 7.05 9.01 39.66
N SER C 14 8.03 9.25 40.52
CA SER C 14 9.04 10.25 40.21
C SER C 14 10.35 9.56 39.99
N VAL C 15 11.25 10.24 39.28
CA VAL C 15 12.56 9.67 39.00
C VAL C 15 13.24 9.30 40.32
N GLY C 16 13.84 8.10 40.31
CA GLY C 16 14.49 7.57 41.48
C GLY C 16 13.53 6.87 42.42
N ASP C 17 12.23 6.89 42.13
CA ASP C 17 11.29 6.17 42.99
C ASP C 17 11.45 4.66 42.82
N ARG C 18 10.89 3.90 43.77
CA ARG C 18 10.85 2.46 43.65
C ARG C 18 9.42 2.08 43.31
N VAL C 19 9.23 1.44 42.16
CA VAL C 19 7.91 0.98 41.79
C VAL C 19 7.87 -0.54 41.79
N THR C 20 6.77 -1.06 42.25
CA THR C 20 6.56 -2.48 42.31
C THR C 20 5.30 -2.82 41.57
N ILE C 21 5.38 -3.77 40.66
CA ILE C 21 4.22 -4.20 39.91
C ILE C 21 3.97 -5.69 40.18
N THR C 22 2.69 -6.06 40.27
CA THR C 22 2.28 -7.39 40.69
C THR C 22 1.52 -8.11 39.61
N CYS C 23 1.77 -9.41 39.47
CA CYS C 23 0.99 -10.20 38.55
C CYS C 23 0.50 -11.39 39.36
N ARG C 24 -0.81 -11.61 39.36
CA ARG C 24 -1.37 -12.77 40.04
C ARG C 24 -1.98 -13.74 39.01
N ALA C 25 -1.60 -15.02 39.08
CA ALA C 25 -2.16 -16.07 38.21
C ALA C 25 -3.26 -16.83 38.92
N SER C 26 -4.34 -17.17 38.21
CA SER C 26 -5.48 -17.88 38.83
C SER C 26 -5.11 -19.31 39.23
N GLN C 27 -4.09 -19.88 38.60
CA GLN C 27 -3.63 -21.19 39.04
C GLN C 27 -2.10 -21.10 39.09
N SER C 28 -1.44 -22.15 39.56
CA SER C 28 0.01 -22.15 39.68
C SER C 28 0.63 -22.28 38.30
N ILE C 29 1.49 -21.31 37.95
CA ILE C 29 2.24 -21.39 36.69
C ILE C 29 3.74 -21.50 36.94
N SER C 30 4.08 -21.74 38.20
CA SER C 30 5.46 -22.00 38.57
C SER C 30 6.44 -20.90 38.15
N ASN C 31 7.51 -21.33 37.48
CA ASN C 31 8.52 -20.49 36.86
C ASN C 31 8.04 -19.61 35.66
N TYR C 32 7.07 -20.13 34.90
CA TYR C 32 6.77 -19.65 33.56
C TYR C 32 6.11 -18.31 33.48
N LEU C 33 6.82 -17.28 33.90
CA LEU C 33 6.32 -15.90 33.84
C LEU C 33 7.40 -14.95 33.32
N ASN C 34 7.07 -14.14 32.35
CA ASN C 34 8.02 -13.18 31.84
C ASN C 34 7.52 -11.76 31.98
N TRP C 35 8.45 -10.83 31.98
CA TRP C 35 8.08 -9.43 32.07
C TRP C 35 8.59 -8.64 30.86
N TYR C 36 7.73 -7.76 30.36
CA TYR C 36 8.05 -6.91 29.21
C TYR C 36 7.87 -5.41 29.52
N GLN C 37 8.68 -4.59 28.85
CA GLN C 37 8.45 -3.15 28.82
C GLN C 37 7.95 -2.79 27.45
N LYS C 38 6.95 -1.92 27.38
CA LYS C 38 6.40 -1.50 26.09
C LYS C 38 6.08 0.00 26.04
N LYS C 39 6.73 0.68 25.10
CA LYS C 39 6.48 2.10 24.87
C LYS C 39 5.68 2.19 23.59
N PRO C 40 4.89 3.27 23.41
CA PRO C 40 4.06 3.44 22.22
C PRO C 40 4.89 3.54 20.91
N GLY C 41 4.49 2.79 19.89
CA GLY C 41 5.12 2.84 18.59
C GLY C 41 6.32 1.92 18.41
N GLN C 42 6.53 1.02 19.37
CA GLN C 42 7.65 0.07 19.30
C GLN C 42 7.23 -1.31 19.77
N ALA C 43 8.06 -2.30 19.45
CA ALA C 43 7.81 -3.65 19.88
C ALA C 43 8.15 -3.79 21.37
N PRO C 44 7.52 -4.75 22.05
CA PRO C 44 7.81 -4.99 23.46
C PRO C 44 9.25 -5.33 23.64
N LYS C 45 9.77 -5.04 24.83
CA LYS C 45 11.15 -5.33 25.20
C LYS C 45 11.21 -6.26 26.43
N LEU C 46 11.88 -7.39 26.28
CA LEU C 46 11.90 -8.41 27.33
C LEU C 46 12.89 -8.03 28.45
N LEU C 47 12.37 -7.92 29.67
CA LEU C 47 13.18 -7.56 30.81
C LEU C 47 13.56 -8.77 31.63
N ILE C 48 12.57 -9.56 31.97
CA ILE C 48 12.75 -10.71 32.82
C ILE C 48 12.12 -11.95 32.21
N TYR C 49 12.81 -13.08 32.34
CA TYR C 49 12.28 -14.36 31.92
C TYR C 49 12.37 -15.38 33.08
N ALA C 50 11.52 -16.40 33.05
CA ALA C 50 11.51 -17.43 34.08
C ALA C 50 11.32 -16.82 35.48
N ALA C 51 10.48 -15.79 35.56
CA ALA C 51 10.07 -15.12 36.81
C ALA C 51 11.15 -14.23 37.46
N THR C 52 12.38 -14.72 37.53
CA THR C 52 13.46 -14.03 38.22
C THR C 52 14.75 -13.74 37.42
N SER C 53 14.86 -14.23 36.20
CA SER C 53 16.10 -14.11 35.43
C SER C 53 16.17 -12.81 34.63
N LEU C 54 17.25 -12.06 34.77
CA LEU C 54 17.43 -10.81 34.04
C LEU C 54 17.90 -11.10 32.63
N GLN C 55 17.12 -10.64 31.67
CA GLN C 55 17.49 -10.80 30.28
C GLN C 55 18.76 -9.96 30.02
N SER C 56 19.66 -10.52 29.20
CA SER C 56 20.92 -9.87 28.85
C SER C 56 20.69 -8.46 28.28
N GLY C 57 21.54 -7.53 28.68
CA GLY C 57 21.49 -6.16 28.18
C GLY C 57 20.43 -5.30 28.83
N VAL C 58 19.69 -5.90 29.77
CA VAL C 58 18.73 -5.16 30.57
C VAL C 58 19.43 -4.68 31.84
N PRO C 59 19.19 -3.44 32.27
CA PRO C 59 19.85 -2.90 33.46
C PRO C 59 19.40 -3.59 34.76
N SER C 60 20.29 -3.64 35.74
CA SER C 60 20.07 -4.40 36.99
C SER C 60 18.93 -3.85 37.85
N ARG C 61 18.58 -2.57 37.63
CA ARG C 61 17.54 -1.91 38.42
C ARG C 61 16.22 -2.66 38.26
N PHE C 62 16.12 -3.50 37.24
CA PHE C 62 14.95 -4.35 37.03
C PHE C 62 15.12 -5.69 37.75
N SER C 63 14.07 -6.18 38.39
CA SER C 63 14.14 -7.49 39.04
C SER C 63 12.76 -8.10 39.21
N GLY C 64 12.72 -9.41 39.07
CA GLY C 64 11.49 -10.12 39.26
C GLY C 64 11.60 -11.11 40.40
N SER C 65 10.44 -11.40 40.98
CA SER C 65 10.41 -12.42 41.99
C SER C 65 9.05 -13.07 41.93
N GLY C 66 8.99 -14.24 42.55
CA GLY C 66 7.77 -14.99 42.66
C GLY C 66 7.92 -16.35 42.01
N SER C 67 6.99 -17.22 42.32
CA SER C 67 6.85 -18.51 41.67
C SER C 67 5.48 -18.99 42.11
N GLY C 68 4.77 -19.72 41.26
CA GLY C 68 3.41 -20.14 41.57
C GLY C 68 2.34 -19.18 41.11
N THR C 69 1.68 -18.50 42.05
CA THR C 69 0.60 -17.60 41.66
C THR C 69 0.93 -16.11 41.78
N ASP C 70 2.02 -15.78 42.46
CA ASP C 70 2.32 -14.36 42.72
C ASP C 70 3.68 -13.91 42.28
N PHE C 71 3.67 -12.89 41.42
CA PHE C 71 4.90 -12.38 40.83
C PHE C 71 4.99 -10.89 40.98
N THR C 72 6.19 -10.42 41.24
CA THR C 72 6.43 -8.99 41.35
C THR C 72 7.58 -8.54 40.44
N LEU C 73 7.38 -7.43 39.76
CA LEU C 73 8.43 -6.75 39.01
C LEU C 73 8.72 -5.45 39.72
N THR C 74 9.95 -5.29 40.19
CA THR C 74 10.26 -4.03 40.83
C THR C 74 11.34 -3.28 40.08
N ILE C 75 11.27 -1.95 40.14
CA ILE C 75 12.34 -1.09 39.63
C ILE C 75 12.88 -0.37 40.83
N SER C 76 14.15 -0.60 41.14
CA SER C 76 14.78 -0.08 42.34
C SER C 76 14.80 1.44 42.37
N SER C 77 15.33 2.08 41.33
CA SER C 77 15.14 3.52 41.16
C SER C 77 14.68 3.79 39.74
N VAL C 78 13.56 4.47 39.60
CA VAL C 78 13.00 4.71 38.28
C VAL C 78 13.82 5.76 37.52
N GLN C 79 14.21 5.42 36.29
CA GLN C 79 14.99 6.31 35.45
C GLN C 79 14.07 6.91 34.40
N PRO C 80 14.41 8.10 33.85
CA PRO C 80 13.47 8.79 32.96
C PRO C 80 13.03 7.98 31.72
N GLU C 81 13.86 7.07 31.25
CA GLU C 81 13.51 6.17 30.16
C GLU C 81 12.62 4.99 30.58
N ASP C 82 12.23 4.94 31.86
CA ASP C 82 11.49 3.80 32.38
C ASP C 82 9.97 3.98 32.36
N PHE C 83 9.53 5.18 32.02
CA PHE C 83 8.10 5.43 32.03
C PHE C 83 7.49 4.77 30.78
N ALA C 84 6.80 3.65 30.99
CA ALA C 84 6.27 2.85 29.90
C ALA C 84 5.16 1.98 30.41
N THR C 85 4.61 1.11 29.56
CA THR C 85 3.65 0.19 30.09
C THR C 85 4.40 -1.12 30.35
N TYR C 86 4.04 -1.82 31.41
CA TYR C 86 4.72 -3.07 31.74
C TYR C 86 3.74 -4.24 31.70
N TYR C 87 4.16 -5.32 31.08
CA TYR C 87 3.31 -6.48 30.91
C TYR C 87 3.97 -7.69 31.50
N CYS C 88 3.13 -8.55 32.05
CA CYS C 88 3.58 -9.86 32.39
C CYS C 88 3.07 -10.83 31.30
N GLN C 89 3.76 -11.95 31.11
CA GLN C 89 3.31 -12.92 30.14
C GLN C 89 3.50 -14.31 30.72
N LYS C 90 2.44 -15.10 30.66
CA LYS C 90 2.52 -16.50 31.03
C LYS C 90 3.25 -17.19 29.87
N THR C 91 4.15 -18.12 30.18
CA THR C 91 4.90 -18.76 29.11
C THR C 91 4.68 -20.26 29.16
N LEU C 92 3.49 -20.70 29.57
CA LEU C 92 3.17 -22.12 29.63
C LEU C 92 1.92 -22.37 28.83
N ARG C 93 2.03 -23.31 27.89
CA ARG C 93 0.87 -23.59 27.06
C ARG C 93 0.40 -22.44 26.26
N THR C 94 -0.58 -21.76 26.83
CA THR C 94 -1.03 -20.51 26.28
C THR C 94 -0.20 -19.40 26.89
N TRP C 95 0.39 -18.57 26.05
CA TRP C 95 1.27 -17.53 26.53
C TRP C 95 0.55 -16.21 26.72
N THR C 96 -0.39 -16.16 27.67
CA THR C 96 -1.26 -15.01 27.89
C THR C 96 -0.56 -13.80 28.52
N PHE C 97 -0.82 -12.61 27.98
CA PHE C 97 -0.32 -11.36 28.56
C PHE C 97 -1.22 -10.87 29.66
N GLY C 98 -0.66 -10.06 30.55
CA GLY C 98 -1.46 -9.33 31.51
C GLY C 98 -2.03 -8.08 30.87
N GLN C 99 -2.77 -7.33 31.67
CA GLN C 99 -3.46 -6.16 31.18
C GLN C 99 -2.52 -5.00 30.95
N GLY C 100 -1.35 -5.06 31.57
CA GLY C 100 -0.44 -3.94 31.49
C GLY C 100 -0.63 -2.99 32.66
N THR C 101 0.50 -2.52 33.18
CA THR C 101 0.51 -1.48 34.18
C THR C 101 1.17 -0.26 33.56
N LYS C 102 0.46 0.86 33.42
CA LYS C 102 1.09 2.04 32.84
C LYS C 102 1.80 2.89 33.90
N VAL C 103 3.11 3.01 33.80
CA VAL C 103 3.90 3.78 34.77
C VAL C 103 4.16 5.21 34.27
N GLU C 104 3.37 6.16 34.79
CA GLU C 104 3.46 7.52 34.32
C GLU C 104 4.16 8.44 35.30
N ILE C 105 4.53 9.63 34.82
CA ILE C 105 5.32 10.60 35.57
C ILE C 105 4.49 11.49 36.48
N LYS C 106 4.86 11.50 37.76
CA LYS C 106 4.23 12.37 38.75
C LYS C 106 4.64 13.83 38.62
N ARG C 107 3.68 14.73 38.77
CA ARG C 107 3.95 16.17 38.73
C ARG C 107 2.85 16.94 39.43
N THR C 108 3.03 18.24 39.62
CA THR C 108 2.00 19.07 40.27
C THR C 108 0.78 19.32 39.39
N ALA C 109 -0.40 19.39 40.00
CA ALA C 109 -1.60 19.76 39.24
C ALA C 109 -1.36 21.04 38.41
N ALA C 110 -1.86 21.03 37.17
CA ALA C 110 -1.81 22.19 36.27
C ALA C 110 -3.11 22.32 35.53
N ALA C 111 -3.62 23.54 35.56
CA ALA C 111 -4.88 23.86 34.89
C ALA C 111 -4.65 23.98 33.40
N PRO C 112 -5.63 23.54 32.61
CA PRO C 112 -5.55 23.66 31.16
C PRO C 112 -5.70 25.09 30.69
N SER C 113 -4.88 25.49 29.71
CA SER C 113 -5.15 26.69 28.93
C SER C 113 -6.17 26.34 27.85
N VAL C 114 -7.26 27.07 27.79
CA VAL C 114 -8.34 26.68 26.92
C VAL C 114 -8.47 27.56 25.69
N PHE C 115 -8.63 26.92 24.55
CA PHE C 115 -8.69 27.62 23.30
C PHE C 115 -9.84 27.05 22.48
N ILE C 116 -10.55 27.93 21.79
CA ILE C 116 -11.62 27.54 20.88
C ILE C 116 -11.39 27.97 19.41
N PHE C 117 -11.66 27.08 18.47
CA PHE C 117 -11.54 27.33 17.02
C PHE C 117 -12.84 27.19 16.25
N PRO C 118 -13.31 28.28 15.63
CA PRO C 118 -14.47 28.28 14.73
C PRO C 118 -14.08 27.56 13.46
N PRO C 119 -15.08 27.09 12.68
CA PRO C 119 -14.81 26.45 11.39
C PRO C 119 -14.18 27.43 10.42
N SER C 120 -13.32 26.92 9.55
CA SER C 120 -12.72 27.77 8.54
C SER C 120 -13.71 28.03 7.41
N ASP C 121 -13.51 29.15 6.71
CA ASP C 121 -14.39 29.48 5.57
C ASP C 121 -14.29 28.43 4.47
N GLU C 122 -13.11 27.86 4.34
CA GLU C 122 -12.91 26.81 3.36
C GLU C 122 -13.57 25.49 3.73
N GLN C 123 -13.77 25.21 5.01
CA GLN C 123 -14.48 23.99 5.37
C GLN C 123 -15.97 24.16 5.14
N LEU C 124 -16.46 25.38 5.33
CA LEU C 124 -17.86 25.67 5.17
C LEU C 124 -18.25 25.52 3.70
N LYS C 125 -17.29 25.69 2.80
CA LYS C 125 -17.54 25.48 1.37
C LYS C 125 -17.92 24.03 1.11
N SER C 126 -17.46 23.13 1.97
CA SER C 126 -17.68 21.70 1.79
C SER C 126 -18.99 21.24 2.38
N GLY C 127 -19.68 22.14 3.09
CA GLY C 127 -20.92 21.78 3.77
C GLY C 127 -20.75 20.96 5.04
N THR C 128 -19.62 21.14 5.72
CA THR C 128 -19.41 20.56 7.04
C THR C 128 -18.86 21.66 7.92
N ALA C 129 -19.24 21.68 9.18
CA ALA C 129 -18.66 22.63 10.11
C ALA C 129 -18.08 21.86 11.30
N SER C 130 -16.82 22.13 11.61
CA SER C 130 -16.15 21.54 12.74
C SER C 130 -15.60 22.61 13.70
N VAL C 131 -16.09 22.62 14.94
CA VAL C 131 -15.59 23.57 15.93
C VAL C 131 -14.65 22.81 16.84
N VAL C 132 -13.42 23.29 17.01
CA VAL C 132 -12.43 22.59 17.81
C VAL C 132 -12.09 23.35 19.11
N CYS C 133 -12.08 22.62 20.23
CA CYS C 133 -11.72 23.14 21.54
C CYS C 133 -10.43 22.47 21.99
N LEU C 134 -9.42 23.27 22.28
CA LEU C 134 -8.14 22.77 22.72
C LEU C 134 -7.96 23.03 24.21
N LEU C 135 -7.51 21.99 24.88
CA LEU C 135 -7.18 22.06 26.28
C LEU C 135 -5.68 21.78 26.44
N ASN C 136 -4.88 22.82 26.72
CA ASN C 136 -3.42 22.68 26.69
C ASN C 136 -2.68 22.56 28.03
N ASN C 137 -1.79 21.57 28.09
CA ASN C 137 -0.82 21.41 29.18
C ASN C 137 -1.41 21.35 30.58
N PHE C 138 -2.29 20.38 30.77
CA PHE C 138 -2.96 20.21 32.04
C PHE C 138 -2.50 18.90 32.70
N TYR C 139 -2.56 18.88 34.03
CA TYR C 139 -2.33 17.71 34.84
C TYR C 139 -3.24 17.81 36.07
N PRO C 140 -3.82 16.69 36.51
CA PRO C 140 -3.68 15.34 35.95
C PRO C 140 -4.59 15.17 34.73
N ARG C 141 -4.58 13.96 34.17
CA ARG C 141 -5.26 13.66 32.92
C ARG C 141 -6.77 13.92 32.92
N GLU C 142 -7.42 13.60 34.03
CA GLU C 142 -8.87 13.64 34.13
C GLU C 142 -9.44 15.03 33.87
N ALA C 143 -10.28 15.16 32.87
CA ALA C 143 -10.90 16.44 32.52
C ALA C 143 -12.30 16.27 31.92
N LYS C 144 -13.02 17.38 31.82
CA LYS C 144 -14.37 17.37 31.28
C LYS C 144 -14.62 18.55 30.35
N VAL C 145 -15.10 18.23 29.14
CA VAL C 145 -15.44 19.24 28.15
C VAL C 145 -16.91 19.15 27.87
N GLN C 146 -17.57 20.30 27.85
CA GLN C 146 -19.00 20.36 27.56
C GLN C 146 -19.22 21.37 26.46
N TRP C 147 -19.94 20.95 25.42
CA TRP C 147 -20.29 21.81 24.33
C TRP C 147 -21.70 22.36 24.51
N LYS C 148 -21.85 23.66 24.28
CA LYS C 148 -23.13 24.33 24.40
C LYS C 148 -23.34 25.20 23.18
N VAL C 149 -24.44 24.92 22.49
CA VAL C 149 -24.79 25.76 21.32
C VAL C 149 -26.02 26.55 21.66
N ASP C 150 -25.91 27.89 21.65
CA ASP C 150 -26.99 28.81 22.05
C ASP C 150 -27.48 28.45 23.45
N ASN C 151 -26.51 28.09 24.29
CA ASN C 151 -26.68 27.70 25.69
C ASN C 151 -27.41 26.38 25.89
N ALA C 152 -27.43 25.55 24.85
CA ALA C 152 -28.04 24.22 24.92
C ALA C 152 -26.95 23.14 24.87
N LEU C 153 -26.94 22.27 25.87
CA LEU C 153 -25.95 21.20 26.01
C LEU C 153 -26.00 20.23 24.83
N GLN C 154 -24.84 19.89 24.32
CA GLN C 154 -24.74 18.99 23.19
C GLN C 154 -24.34 17.62 23.64
N SER C 155 -24.89 16.61 23.00
CA SER C 155 -24.58 15.23 23.33
C SER C 155 -24.56 14.37 22.08
N GLY C 156 -23.63 13.42 22.11
CA GLY C 156 -23.47 12.41 21.07
C GLY C 156 -22.90 12.92 19.77
N ASN C 157 -22.52 14.20 19.73
CA ASN C 157 -21.99 14.79 18.50
C ASN C 157 -20.58 15.41 18.64
N SER C 158 -19.75 14.93 19.55
CA SER C 158 -18.37 15.41 19.57
C SER C 158 -17.48 14.20 19.81
N GLN C 159 -16.22 14.30 19.40
CA GLN C 159 -15.21 13.28 19.67
C GLN C 159 -14.00 13.94 20.35
N GLU C 160 -13.25 13.20 21.15
CA GLU C 160 -12.10 13.81 21.77
C GLU C 160 -10.92 12.82 21.80
N SER C 161 -9.70 13.34 21.80
CA SER C 161 -8.50 12.52 21.98
C SER C 161 -7.55 13.28 22.90
N VAL C 162 -6.73 12.53 23.62
CA VAL C 162 -5.76 13.07 24.54
C VAL C 162 -4.39 12.59 24.11
N THR C 163 -3.40 13.46 24.21
CA THR C 163 -2.03 13.09 23.97
C THR C 163 -1.46 12.28 25.14
N GLU C 164 -0.27 11.77 24.92
CA GLU C 164 0.48 11.12 25.99
C GLU C 164 1.18 12.21 26.80
N GLN C 165 1.84 11.83 27.89
CA GLN C 165 2.55 12.80 28.70
C GLN C 165 3.68 13.46 27.91
N ASP C 166 3.72 14.78 27.96
CA ASP C 166 4.77 15.52 27.28
C ASP C 166 6.16 15.14 27.81
N SER C 167 7.15 15.16 26.92
CA SER C 167 8.51 14.76 27.25
C SER C 167 9.21 15.78 28.11
N LYS C 168 8.73 17.02 28.07
CA LYS C 168 9.42 18.06 28.81
C LYS C 168 8.71 18.51 30.09
N ASP C 169 7.39 18.58 30.07
CA ASP C 169 6.61 19.15 31.19
C ASP C 169 5.71 18.11 31.84
N SER C 170 5.59 16.96 31.20
CA SER C 170 4.79 15.86 31.71
C SER C 170 3.31 16.12 31.82
N THR C 171 2.81 17.05 31.03
CA THR C 171 1.40 17.38 31.07
C THR C 171 0.71 16.66 29.92
N TYR C 172 -0.61 16.77 29.93
CA TYR C 172 -1.46 16.24 28.86
C TYR C 172 -2.06 17.39 28.06
N SER C 173 -2.56 17.08 26.87
CA SER C 173 -3.34 18.03 26.07
C SER C 173 -4.54 17.29 25.48
N LEU C 174 -5.66 18.00 25.31
CA LEU C 174 -6.87 17.35 24.85
C LEU C 174 -7.49 18.13 23.73
N SER C 175 -8.02 17.40 22.76
CA SER C 175 -8.73 18.04 21.67
C SER C 175 -10.14 17.49 21.57
N SER C 176 -11.10 18.40 21.52
CA SER C 176 -12.47 18.01 21.33
C SER C 176 -13.01 18.72 20.10
N THR C 177 -13.78 17.97 19.32
CA THR C 177 -14.28 18.49 18.08
C THR C 177 -15.77 18.29 18.06
N LEU C 178 -16.50 19.38 17.87
CA LEU C 178 -17.93 19.36 17.71
C LEU C 178 -18.18 19.50 16.21
N THR C 179 -18.91 18.55 15.65
CA THR C 179 -19.14 18.55 14.20
C THR C 179 -20.63 18.60 13.81
N LEU C 180 -20.96 19.56 12.94
CA LEU C 180 -22.31 19.77 12.49
C LEU C 180 -22.35 19.86 10.99
N SER C 181 -23.54 19.79 10.42
CA SER C 181 -23.67 20.11 9.02
C SER C 181 -23.54 21.62 8.92
N LYS C 182 -23.12 22.12 7.75
CA LYS C 182 -23.05 23.56 7.52
C LYS C 182 -24.40 24.21 7.79
N ALA C 183 -25.48 23.51 7.42
CA ALA C 183 -26.83 24.00 7.64
C ALA C 183 -27.11 24.26 9.15
N ASP C 184 -26.92 23.25 9.99
CA ASP C 184 -27.09 23.39 11.45
C ASP C 184 -26.24 24.49 12.01
N TYR C 185 -24.98 24.53 11.60
CA TYR C 185 -24.07 25.53 12.12
C TYR C 185 -24.56 26.96 11.85
N GLU C 186 -25.10 27.20 10.68
CA GLU C 186 -25.59 28.53 10.32
C GLU C 186 -26.94 28.86 10.94
N LYS C 187 -27.50 27.91 11.68
CA LYS C 187 -28.79 28.10 12.34
C LYS C 187 -28.63 28.57 13.80
N HIS C 188 -27.37 28.71 14.25
CA HIS C 188 -27.08 29.08 15.62
C HIS C 188 -26.01 30.15 15.71
N LYS C 189 -26.03 30.93 16.78
CA LYS C 189 -25.10 32.05 16.96
C LYS C 189 -23.92 31.78 17.89
N VAL C 190 -24.22 31.11 18.99
CA VAL C 190 -23.26 31.02 20.07
C VAL C 190 -22.75 29.62 20.33
N TYR C 191 -21.47 29.46 20.12
CA TYR C 191 -20.82 28.19 20.32
C TYR C 191 -19.87 28.25 21.50
N ALA C 192 -20.06 27.38 22.46
CA ALA C 192 -19.29 27.50 23.69
C ALA C 192 -18.66 26.19 24.12
N CYS C 193 -17.48 26.28 24.72
CA CYS C 193 -16.75 25.14 25.21
C CYS C 193 -16.44 25.39 26.68
N GLU C 194 -17.07 24.58 27.55
CA GLU C 194 -16.85 24.72 28.99
C GLU C 194 -16.01 23.58 29.56
N VAL C 195 -15.01 23.91 30.36
CA VAL C 195 -14.07 22.91 30.86
C VAL C 195 -13.88 22.95 32.39
N THR C 196 -14.02 21.78 32.99
CA THR C 196 -13.82 21.61 34.43
C THR C 196 -12.62 20.73 34.63
N HIS C 197 -11.74 21.16 35.53
CA HIS C 197 -10.51 20.46 35.83
C HIS C 197 -10.12 20.76 37.27
N GLN C 198 -9.52 19.81 37.96
CA GLN C 198 -9.25 19.99 39.38
C GLN C 198 -8.27 21.13 39.67
N GLY C 199 -7.62 21.68 38.65
CA GLY C 199 -6.74 22.83 38.80
C GLY C 199 -7.45 24.17 38.64
N LEU C 200 -8.74 24.11 38.34
CA LEU C 200 -9.59 25.28 38.16
C LEU C 200 -10.55 25.44 39.33
N SER C 201 -10.67 26.64 39.88
CA SER C 201 -11.65 26.90 40.95
C SER C 201 -13.06 26.63 40.44
N SER C 202 -13.40 27.29 39.33
CA SER C 202 -14.68 27.13 38.66
C SER C 202 -14.48 26.81 37.15
N PRO C 203 -15.51 26.25 36.48
CA PRO C 203 -15.41 25.96 35.05
C PRO C 203 -14.96 27.15 34.19
N VAL C 204 -14.05 26.92 33.26
CA VAL C 204 -13.64 27.99 32.35
C VAL C 204 -14.39 27.85 31.00
N THR C 205 -14.84 28.97 30.46
CA THR C 205 -15.56 28.95 29.20
C THR C 205 -14.93 29.83 28.14
N LYS C 206 -14.63 29.22 27.00
CA LYS C 206 -14.31 29.94 25.78
C LYS C 206 -15.53 29.81 24.86
N SER C 207 -15.80 30.85 24.09
CA SER C 207 -16.97 30.84 23.23
C SER C 207 -16.82 31.90 22.18
N PHE C 208 -17.65 31.83 21.14
CA PHE C 208 -17.66 32.83 20.08
C PHE C 208 -19.04 32.94 19.48
N ASN C 209 -19.23 34.01 18.74
CA ASN C 209 -20.47 34.36 18.08
C ASN C 209 -20.38 34.51 16.57
N ARG C 210 -21.02 33.63 15.81
CA ARG C 210 -21.08 33.80 14.36
C ARG C 210 -22.11 32.83 13.80
N GLY C 211 -23.07 33.33 13.01
CA GLY C 211 -24.17 32.56 12.47
C GLY C 211 -23.76 31.57 11.42
N GLU D 1 21.18 -8.14 12.13
CA GLU D 1 21.47 -9.52 11.73
C GLU D 1 20.31 -10.48 11.85
N PHE D 2 19.67 -10.50 13.02
CA PHE D 2 18.39 -11.14 13.18
C PHE D 2 17.39 -10.33 12.40
N GLN D 3 16.52 -10.98 11.66
CA GLN D 3 15.49 -10.27 10.93
C GLN D 3 14.17 -11.03 10.97
N LEU D 4 13.09 -10.30 11.24
CA LEU D 4 11.75 -10.82 11.02
C LEU D 4 10.97 -9.79 10.20
N VAL D 5 10.92 -9.99 8.89
CA VAL D 5 10.23 -9.06 8.00
C VAL D 5 8.77 -9.47 7.74
N GLU D 6 7.87 -8.52 7.99
CA GLU D 6 6.44 -8.75 7.89
C GLU D 6 5.85 -8.05 6.69
N SER D 7 4.73 -8.59 6.21
CA SER D 7 4.01 -8.04 5.06
C SER D 7 3.66 -6.59 5.29
N GLY D 8 3.43 -5.86 4.22
CA GLY D 8 3.13 -4.45 4.35
C GLY D 8 1.71 -4.27 4.89
N ALA D 9 1.40 -3.04 5.28
CA ALA D 9 0.13 -2.70 5.88
C ALA D 9 -1.06 -3.10 5.01
N GLU D 10 -2.12 -3.61 5.63
CA GLU D 10 -3.24 -4.12 4.85
C GLU D 10 -4.57 -3.57 5.31
N VAL D 11 -5.47 -3.41 4.33
CA VAL D 11 -6.85 -3.03 4.59
C VAL D 11 -7.75 -4.14 3.98
N LYS D 12 -8.71 -4.62 4.76
CA LYS D 12 -9.63 -5.69 4.37
C LYS D 12 -11.07 -5.33 4.71
N LYS D 13 -12.01 -5.79 3.88
CA LYS D 13 -13.42 -5.61 4.17
C LYS D 13 -13.84 -6.49 5.33
N PRO D 14 -14.85 -6.06 6.10
CA PRO D 14 -15.37 -6.92 7.15
C PRO D 14 -15.84 -8.24 6.57
N GLY D 15 -15.53 -9.36 7.21
CA GLY D 15 -15.93 -10.66 6.72
C GLY D 15 -14.89 -11.31 5.83
N ALA D 16 -13.92 -10.53 5.39
CA ALA D 16 -12.86 -11.04 4.55
C ALA D 16 -11.80 -11.78 5.37
N SER D 17 -10.71 -12.16 4.73
CA SER D 17 -9.59 -12.87 5.37
C SER D 17 -8.33 -12.08 5.13
N VAL D 18 -7.36 -12.24 6.02
CA VAL D 18 -6.05 -11.63 5.83
C VAL D 18 -4.96 -12.67 6.03
N LYS D 19 -3.88 -12.52 5.28
CA LYS D 19 -2.74 -13.41 5.40
C LYS D 19 -1.44 -12.61 5.52
N VAL D 20 -0.91 -12.52 6.75
CA VAL D 20 0.32 -11.78 7.06
C VAL D 20 1.52 -12.72 6.98
N SER D 21 2.59 -12.32 6.28
CA SER D 21 3.75 -13.20 6.19
C SER D 21 4.91 -12.74 7.10
N CYS D 22 5.72 -13.68 7.57
CA CYS D 22 6.87 -13.36 8.39
C CYS D 22 8.13 -14.05 7.88
N LYS D 23 9.00 -13.31 7.21
CA LYS D 23 10.27 -13.85 6.72
C LYS D 23 11.37 -13.73 7.77
N ALA D 24 11.86 -14.88 8.20
CA ALA D 24 12.87 -14.93 9.25
C ALA D 24 14.24 -15.14 8.68
N SER D 25 15.24 -14.62 9.37
CA SER D 25 16.61 -14.68 8.89
C SER D 25 17.68 -14.30 9.94
N GLY D 26 18.88 -14.84 9.80
CA GLY D 26 19.98 -14.46 10.65
C GLY D 26 20.22 -15.35 11.82
N TYR D 27 19.40 -16.38 11.94
CA TYR D 27 19.46 -17.35 13.01
C TYR D 27 18.87 -18.64 12.47
N SER D 28 19.13 -19.79 13.11
CA SER D 28 18.58 -21.01 12.58
C SER D 28 17.07 -21.09 12.79
N PHE D 29 16.35 -21.24 11.69
CA PHE D 29 14.88 -21.11 11.67
C PHE D 29 14.17 -22.12 12.60
N THR D 30 14.68 -23.35 12.60
CA THR D 30 13.99 -24.45 13.25
C THR D 30 14.21 -24.50 14.75
N SER D 31 15.15 -23.72 15.27
CA SER D 31 15.48 -23.78 16.69
C SER D 31 14.61 -22.85 17.55
N TYR D 32 13.71 -22.13 16.90
CA TYR D 32 12.90 -21.15 17.59
C TYR D 32 11.49 -21.26 17.06
N TYR D 33 10.53 -21.04 17.92
CA TYR D 33 9.12 -20.93 17.54
C TYR D 33 8.91 -19.54 16.98
N VAL D 34 7.82 -19.37 16.23
CA VAL D 34 7.41 -18.04 15.80
C VAL D 34 6.08 -17.75 16.43
N HIS D 35 6.03 -16.64 17.14
CA HIS D 35 4.83 -16.25 17.88
C HIS D 35 4.09 -15.13 17.16
N TRP D 36 2.78 -15.08 17.37
CA TRP D 36 2.03 -13.98 16.85
C TRP D 36 1.30 -13.28 18.00
N VAL D 37 1.50 -11.98 18.09
CA VAL D 37 0.98 -11.16 19.14
C VAL D 37 0.44 -9.92 18.44
N ARG D 38 -0.71 -9.44 18.90
CA ARG D 38 -1.31 -8.28 18.29
C ARG D 38 -1.62 -7.22 19.34
N GLU D 39 -1.82 -6.00 18.86
CA GLU D 39 -2.20 -4.88 19.70
C GLU D 39 -3.20 -3.94 19.01
N ALA D 40 -4.46 -4.07 19.41
CA ALA D 40 -5.56 -3.24 18.97
C ALA D 40 -5.40 -1.87 19.65
N PRO D 41 -5.84 -0.81 18.99
CA PRO D 41 -5.66 0.56 19.50
C PRO D 41 -6.14 0.87 20.94
N GLY D 42 -7.11 0.16 21.50
CA GLY D 42 -7.54 0.50 22.85
C GLY D 42 -7.26 -0.62 23.85
N GLU D 43 -6.51 -1.60 23.40
CA GLU D 43 -6.21 -2.73 24.23
C GLU D 43 -4.70 -2.95 24.40
N GLY D 44 -4.36 -3.84 25.32
CA GLY D 44 -3.00 -4.24 25.57
C GLY D 44 -2.61 -5.40 24.64
N LEU D 45 -1.36 -5.82 24.75
CA LEU D 45 -0.82 -6.93 23.98
C LEU D 45 -1.68 -8.21 24.15
N GLU D 46 -1.94 -8.90 23.05
CA GLU D 46 -2.74 -10.11 23.01
C GLU D 46 -1.95 -11.20 22.29
N TRP D 47 -1.66 -12.29 22.97
CA TRP D 47 -0.95 -13.40 22.34
C TRP D 47 -1.92 -14.27 21.56
N MET D 48 -1.60 -14.55 20.32
CA MET D 48 -2.50 -15.32 19.45
C MET D 48 -2.14 -16.77 19.37
N GLY D 49 -0.86 -17.06 19.31
CA GLY D 49 -0.48 -18.43 19.13
C GLY D 49 0.96 -18.57 18.77
N MET D 50 1.39 -19.82 18.67
CA MET D 50 2.76 -20.21 18.41
C MET D 50 2.85 -21.13 17.22
N ILE D 51 4.02 -21.23 16.60
CA ILE D 51 4.19 -22.30 15.64
C ILE D 51 5.61 -22.79 15.73
N ASN D 52 5.76 -24.11 15.67
CA ASN D 52 7.04 -24.78 15.64
C ASN D 52 7.45 -25.07 14.19
N PRO D 53 8.50 -24.41 13.69
CA PRO D 53 8.86 -24.55 12.27
C PRO D 53 9.52 -25.89 12.00
N SER D 54 9.81 -26.66 13.04
CA SER D 54 10.39 -27.98 12.80
C SER D 54 9.42 -28.98 12.23
N ASP D 55 8.23 -29.07 12.84
CA ASP D 55 7.19 -30.00 12.41
C ASP D 55 5.98 -29.28 11.85
N GLY D 56 5.77 -28.03 12.27
CA GLY D 56 4.58 -27.32 11.87
C GLY D 56 3.50 -27.35 12.93
N SER D 57 3.83 -27.89 14.10
CA SER D 57 2.93 -27.92 15.23
C SER D 57 2.54 -26.49 15.64
N THR D 58 1.23 -26.29 15.88
CA THR D 58 0.69 -24.99 16.23
C THR D 58 0.06 -25.08 17.62
N TYR D 59 0.02 -23.95 18.32
CA TYR D 59 -0.66 -23.82 19.62
C TYR D 59 -1.34 -22.45 19.65
N TYR D 60 -2.66 -22.43 19.61
CA TYR D 60 -3.39 -21.18 19.55
C TYR D 60 -4.00 -20.82 20.90
N ALA D 61 -4.23 -19.54 21.11
CA ALA D 61 -5.09 -19.10 22.19
C ALA D 61 -6.54 -19.46 21.81
N GLN D 62 -7.32 -19.82 22.80
CA GLN D 62 -8.70 -20.23 22.59
C GLN D 62 -9.51 -19.16 21.84
N ARG D 63 -9.21 -17.89 22.07
CA ARG D 63 -9.99 -16.83 21.45
C ARG D 63 -9.78 -16.80 19.93
N PHE D 64 -8.70 -17.40 19.44
CA PHE D 64 -8.43 -17.31 18.01
C PHE D 64 -8.49 -18.65 17.25
N GLN D 65 -8.66 -19.76 17.99
CA GLN D 65 -8.59 -21.12 17.42
C GLN D 65 -9.43 -21.32 16.14
N PRO D 66 -10.66 -20.77 16.06
CA PRO D 66 -11.40 -21.08 14.84
C PRO D 66 -11.16 -20.09 13.71
N ARG D 67 -10.52 -18.95 13.96
CA ARG D 67 -10.36 -18.00 12.86
C ARG D 67 -8.92 -17.86 12.43
N VAL D 68 -7.98 -18.31 13.27
CA VAL D 68 -6.57 -18.14 12.97
C VAL D 68 -5.86 -19.44 12.64
N THR D 69 -5.21 -19.48 11.47
CA THR D 69 -4.42 -20.63 11.06
C THR D 69 -3.00 -20.16 10.79
N MET D 70 -2.03 -20.85 11.37
CA MET D 70 -0.64 -20.48 11.21
C MET D 70 0.08 -21.59 10.48
N THR D 71 0.93 -21.23 9.52
CA THR D 71 1.64 -22.21 8.71
C THR D 71 3.08 -21.78 8.51
N ARG D 72 3.94 -22.72 8.08
CA ARG D 72 5.30 -22.35 7.73
C ARG D 72 5.78 -22.98 6.46
N ASP D 73 6.79 -22.36 5.89
CA ASP D 73 7.51 -22.93 4.76
C ASP D 73 8.98 -22.90 5.13
N THR D 74 9.59 -24.07 5.37
CA THR D 74 11.01 -24.11 5.80
C THR D 74 11.98 -23.77 4.65
N SER D 75 11.57 -24.05 3.42
CA SER D 75 12.43 -23.80 2.29
C SER D 75 12.68 -22.29 2.09
N THR D 76 11.70 -21.47 2.44
CA THR D 76 11.89 -20.02 2.37
C THR D 76 11.96 -19.38 3.78
N THR D 77 12.01 -20.22 4.81
CA THR D 77 12.03 -19.80 6.22
C THR D 77 11.02 -18.71 6.54
N THR D 78 9.78 -18.91 6.08
CA THR D 78 8.73 -17.94 6.24
C THR D 78 7.53 -18.54 6.99
N VAL D 79 6.95 -17.74 7.89
CA VAL D 79 5.76 -18.14 8.64
C VAL D 79 4.55 -17.31 8.23
N PHE D 80 3.37 -17.91 8.23
CA PHE D 80 2.16 -17.20 7.86
C PHE D 80 1.12 -17.18 8.96
N MET D 81 0.41 -16.08 9.04
CA MET D 81 -0.69 -16.00 9.94
C MET D 81 -1.91 -15.58 9.12
N GLU D 82 -2.89 -16.46 9.04
CA GLU D 82 -4.13 -16.14 8.35
C GLU D 82 -5.31 -16.03 9.30
N MET D 83 -6.04 -14.92 9.21
CA MET D 83 -7.21 -14.70 10.02
C MET D 83 -8.42 -14.48 9.10
N SER D 84 -9.47 -15.25 9.34
CA SER D 84 -10.66 -15.22 8.53
C SER D 84 -11.87 -14.69 9.31
N GLY D 85 -12.90 -14.22 8.62
CA GLY D 85 -14.09 -13.72 9.30
C GLY D 85 -13.76 -12.45 10.07
N LEU D 86 -13.02 -11.55 9.45
CA LEU D 86 -12.52 -10.32 10.05
C LEU D 86 -13.61 -9.36 10.54
N ARG D 87 -13.37 -8.76 11.70
CA ARG D 87 -14.31 -7.84 12.33
C ARG D 87 -13.59 -6.55 12.58
N SER D 88 -14.32 -5.52 12.94
CA SER D 88 -13.69 -4.22 13.15
C SER D 88 -12.67 -4.27 14.28
N GLU D 89 -12.98 -5.11 15.26
CA GLU D 89 -12.16 -5.32 16.46
C GLU D 89 -10.82 -5.97 16.14
N ASP D 90 -10.63 -6.39 14.90
CA ASP D 90 -9.37 -7.03 14.48
C ASP D 90 -8.41 -6.02 13.90
N THR D 91 -8.83 -4.76 13.84
CA THR D 91 -7.95 -3.68 13.45
C THR D 91 -6.92 -3.56 14.55
N ALA D 92 -5.67 -3.84 14.18
CA ALA D 92 -4.59 -3.89 15.14
C ALA D 92 -3.22 -3.89 14.46
N VAL D 93 -2.16 -3.73 15.26
CA VAL D 93 -0.83 -4.04 14.79
C VAL D 93 -0.53 -5.50 15.12
N TYR D 94 -0.08 -6.24 14.12
CA TYR D 94 0.23 -7.64 14.28
C TYR D 94 1.71 -7.86 14.20
N TYR D 95 2.27 -8.42 15.26
CA TYR D 95 3.68 -8.71 15.33
C TYR D 95 3.90 -10.21 15.16
N CYS D 96 5.00 -10.55 14.51
CA CYS D 96 5.53 -11.90 14.57
C CYS D 96 6.81 -11.73 15.37
N ALA D 97 7.14 -12.73 16.16
CA ALA D 97 8.28 -12.65 17.02
C ALA D 97 8.92 -13.98 17.27
N ARG D 98 10.21 -13.97 17.53
CA ARG D 98 10.96 -15.19 17.72
C ARG D 98 10.97 -15.55 19.21
N GLY D 99 10.63 -16.78 19.55
CA GLY D 99 10.61 -17.17 20.95
C GLY D 99 11.11 -18.58 21.10
N VAL D 100 12.05 -18.80 22.00
CA VAL D 100 12.52 -20.13 22.32
C VAL D 100 11.54 -20.80 23.34
N VAL D 101 11.34 -22.11 23.21
CA VAL D 101 10.39 -22.85 24.04
C VAL D 101 11.04 -24.15 24.58
N GLY D 102 10.55 -24.67 25.69
CA GLY D 102 11.07 -25.91 26.27
C GLY D 102 12.12 -25.64 27.36
N ALA D 103 13.39 -25.80 27.02
CA ALA D 103 14.50 -25.60 27.96
C ALA D 103 14.61 -24.17 28.47
N THR D 104 14.19 -23.23 27.64
CA THR D 104 14.02 -21.85 28.03
C THR D 104 12.80 -21.35 27.34
N ASN D 105 12.11 -20.38 27.93
CA ASN D 105 10.90 -19.89 27.33
C ASN D 105 10.82 -18.39 27.32
N GLU D 106 11.00 -17.77 26.16
CA GLU D 106 10.94 -16.31 26.09
C GLU D 106 10.70 -15.85 24.67
N ILE D 107 10.12 -14.68 24.49
CA ILE D 107 10.08 -14.08 23.18
C ILE D 107 11.09 -12.91 23.20
N ASP D 108 12.20 -13.06 22.48
CA ASP D 108 13.29 -12.07 22.56
C ASP D 108 13.43 -11.13 21.37
N PHE D 109 13.02 -11.57 20.19
CA PHE D 109 13.17 -10.74 19.03
C PHE D 109 11.83 -10.55 18.35
N TRP D 110 11.60 -9.32 17.90
CA TRP D 110 10.29 -8.97 17.40
C TRP D 110 10.35 -8.36 16.01
N GLY D 111 9.29 -8.55 15.24
CA GLY D 111 9.20 -7.91 13.96
C GLY D 111 8.72 -6.50 14.15
N GLN D 112 8.70 -5.74 13.07
CA GLN D 112 8.32 -4.34 13.07
C GLN D 112 6.82 -4.19 13.26
N GLY D 113 6.07 -5.25 12.95
CA GLY D 113 4.62 -5.24 13.06
C GLY D 113 3.93 -4.77 11.79
N THR D 114 2.74 -5.28 11.51
CA THR D 114 1.95 -4.85 10.36
C THR D 114 0.57 -4.45 10.81
N THR D 115 0.14 -3.30 10.36
CA THR D 115 -1.22 -2.87 10.57
C THR D 115 -2.18 -3.56 9.63
N VAL D 116 -3.20 -4.14 10.23
CA VAL D 116 -4.33 -4.60 9.45
C VAL D 116 -5.52 -3.73 9.85
N THR D 117 -6.17 -3.09 8.89
CA THR D 117 -7.36 -2.30 9.17
C THR D 117 -8.56 -3.00 8.57
N VAL D 118 -9.63 -3.13 9.33
CA VAL D 118 -10.82 -3.82 8.84
C VAL D 118 -11.92 -2.80 8.71
N SER D 119 -12.29 -2.50 7.48
CA SER D 119 -13.25 -1.47 7.27
C SER D 119 -13.78 -1.59 5.84
N SER D 120 -14.95 -1.02 5.62
CA SER D 120 -15.54 -1.02 4.29
C SER D 120 -15.30 0.34 3.59
N ALA D 121 -14.62 1.25 4.29
CA ALA D 121 -14.33 2.59 3.77
C ALA D 121 -13.27 2.55 2.66
N SER D 122 -13.40 3.42 1.65
CA SER D 122 -12.40 3.54 0.59
C SER D 122 -11.31 4.54 0.96
N PHE D 123 -10.12 4.34 0.39
CA PHE D 123 -9.02 5.26 0.58
C PHE D 123 -9.42 6.67 0.18
N LYS D 124 -8.96 7.64 0.96
CA LYS D 124 -9.31 9.03 0.77
C LYS D 124 -8.26 9.88 1.46
N GLY D 125 -7.75 10.86 0.73
CA GLY D 125 -6.78 11.79 1.28
C GLY D 125 -7.53 12.79 2.15
N PRO D 126 -6.82 13.42 3.09
CA PRO D 126 -7.50 14.31 4.04
C PRO D 126 -7.78 15.70 3.42
N SER D 127 -8.83 16.34 3.95
CA SER D 127 -8.98 17.76 3.75
C SER D 127 -8.25 18.41 4.90
N VAL D 128 -7.44 19.41 4.59
CA VAL D 128 -6.64 20.03 5.63
C VAL D 128 -7.19 21.42 5.85
N PHE D 129 -7.70 21.68 7.06
CA PHE D 129 -8.28 22.98 7.39
C PHE D 129 -7.50 23.71 8.44
N PRO D 130 -7.42 25.04 8.31
CA PRO D 130 -6.65 25.82 9.28
C PRO D 130 -7.41 26.02 10.56
N LEU D 131 -6.72 25.96 11.70
CA LEU D 131 -7.30 26.38 12.97
C LEU D 131 -6.63 27.72 13.27
N ALA D 132 -7.20 28.79 12.74
CA ALA D 132 -6.56 30.10 12.80
C ALA D 132 -6.42 30.75 14.17
N PRO D 133 -5.25 31.34 14.45
CA PRO D 133 -4.94 32.09 15.67
C PRO D 133 -5.85 33.31 15.74
N SER D 134 -6.52 33.51 16.85
CA SER D 134 -7.36 34.68 17.01
C SER D 134 -7.35 34.93 18.51
N SER D 135 -8.06 35.96 18.97
CA SER D 135 -8.12 36.23 20.39
C SER D 135 -8.80 35.07 21.14
N LYS D 136 -9.71 34.39 20.46
CA LYS D 136 -10.37 33.20 21.01
C LYS D 136 -9.41 32.05 21.29
N SER D 137 -8.26 32.04 20.63
CA SER D 137 -7.23 31.06 20.91
C SER D 137 -5.95 31.76 21.37
N THR D 138 -6.11 32.85 22.10
CA THR D 138 -4.96 33.52 22.70
C THR D 138 -5.11 33.59 24.22
N SER D 139 -4.15 33.01 24.90
CA SER D 139 -4.04 33.11 26.34
C SER D 139 -2.80 33.93 26.71
N GLY D 140 -2.98 35.22 26.96
CA GLY D 140 -1.88 36.09 27.37
C GLY D 140 -1.01 36.48 26.20
N GLY D 141 0.27 36.18 26.35
CA GLY D 141 1.28 36.35 25.35
C GLY D 141 1.29 35.24 24.31
N THR D 142 0.47 34.21 24.53
CA THR D 142 0.60 33.05 23.67
C THR D 142 -0.63 32.77 22.81
N ALA D 143 -0.36 32.28 21.61
CA ALA D 143 -1.41 31.99 20.63
C ALA D 143 -1.39 30.53 20.24
N ALA D 144 -2.57 29.93 20.10
CA ALA D 144 -2.64 28.55 19.62
C ALA D 144 -3.10 28.62 18.18
N LEU D 145 -2.54 27.77 17.35
CA LEU D 145 -2.98 27.63 15.97
C LEU D 145 -2.81 26.19 15.58
N GLY D 146 -3.42 25.79 14.48
CA GLY D 146 -3.26 24.43 14.05
C GLY D 146 -3.87 24.10 12.70
N CYS D 147 -4.10 22.81 12.53
CA CYS D 147 -4.51 22.18 11.30
C CYS D 147 -5.47 21.08 11.59
N LEU D 148 -6.66 21.20 11.05
CA LEU D 148 -7.64 20.15 11.20
C LEU D 148 -7.49 19.20 9.99
N VAL D 149 -7.02 17.97 10.24
CA VAL D 149 -6.77 17.00 9.19
C VAL D 149 -7.96 16.06 9.11
N LYS D 150 -8.92 16.38 8.25
CA LYS D 150 -10.21 15.70 8.24
C LYS D 150 -10.47 14.68 7.12
N ASP D 151 -11.24 13.66 7.46
CA ASP D 151 -11.78 12.72 6.45
C ASP D 151 -10.76 11.96 5.62
N TYR D 152 -9.87 11.25 6.27
CA TYR D 152 -8.91 10.43 5.54
C TYR D 152 -9.07 8.99 5.92
N PHE D 153 -8.66 8.10 5.00
CA PHE D 153 -8.58 6.69 5.29
C PHE D 153 -7.51 6.06 4.42
N PRO D 154 -6.71 5.14 4.97
CA PRO D 154 -6.65 4.76 6.38
C PRO D 154 -5.57 5.55 7.15
N GLU D 155 -5.26 5.08 8.37
CA GLU D 155 -4.11 5.58 9.12
C GLU D 155 -2.81 5.05 8.46
N PRO D 156 -1.70 5.79 8.58
CA PRO D 156 -1.51 7.02 9.36
C PRO D 156 -1.33 8.26 8.53
N VAL D 157 -1.29 9.36 9.26
CA VAL D 157 -0.96 10.67 8.75
C VAL D 157 0.22 11.18 9.54
N THR D 158 1.10 11.92 8.89
CA THR D 158 2.14 12.57 9.62
C THR D 158 1.91 14.04 9.45
N VAL D 159 2.05 14.79 10.54
CA VAL D 159 1.95 16.24 10.50
C VAL D 159 3.21 16.84 11.07
N SER D 160 3.79 17.78 10.33
CA SER D 160 4.93 18.57 10.81
C SER D 160 4.64 20.06 10.58
N TRP D 161 5.40 20.94 11.23
CA TRP D 161 5.23 22.37 11.04
C TRP D 161 6.49 23.04 10.53
N ASN D 162 6.35 23.87 9.49
CA ASN D 162 7.50 24.60 8.93
C ASN D 162 8.64 23.64 8.57
N SER D 163 8.24 22.46 8.06
CA SER D 163 9.19 21.52 7.51
C SER D 163 10.10 20.94 8.58
N GLY D 164 9.74 21.15 9.84
CA GLY D 164 10.53 20.61 10.93
C GLY D 164 11.23 21.70 11.71
N ALA D 165 11.08 22.96 11.29
CA ALA D 165 11.61 24.07 12.09
C ALA D 165 10.85 24.26 13.41
N LEU D 166 9.56 23.93 13.41
CA LEU D 166 8.71 24.06 14.58
C LEU D 166 8.43 22.72 15.19
N THR D 167 9.01 22.47 16.35
CA THR D 167 8.72 21.22 17.04
C THR D 167 8.26 21.41 18.46
N SER D 168 8.47 22.62 18.95
CA SER D 168 8.24 22.92 20.34
C SER D 168 6.81 23.34 20.57
N GLY D 169 6.15 22.65 21.47
CA GLY D 169 4.76 22.95 21.74
C GLY D 169 3.80 22.40 20.72
N VAL D 170 4.25 21.49 19.86
CA VAL D 170 3.34 20.88 18.91
C VAL D 170 2.65 19.71 19.58
N HIS D 171 1.34 19.61 19.41
CA HIS D 171 0.64 18.42 19.82
C HIS D 171 -0.16 17.94 18.64
N THR D 172 0.19 16.75 18.21
CA THR D 172 -0.58 16.10 17.18
C THR D 172 -1.40 15.03 17.87
N PHE D 173 -2.71 15.24 17.85
CA PHE D 173 -3.61 14.40 18.60
C PHE D 173 -3.86 13.08 17.94
N PRO D 174 -4.12 12.02 18.73
CA PRO D 174 -4.49 10.77 18.09
C PRO D 174 -5.79 10.98 17.30
N ALA D 175 -5.89 10.27 16.18
CA ALA D 175 -7.00 10.44 15.27
C ALA D 175 -8.23 9.75 15.83
N VAL D 176 -9.41 10.22 15.45
CA VAL D 176 -10.63 9.56 15.85
C VAL D 176 -11.34 9.02 14.64
N LEU D 177 -12.04 7.90 14.85
CA LEU D 177 -12.81 7.27 13.79
C LEU D 177 -14.23 7.80 13.78
N GLN D 178 -14.62 8.42 12.66
CA GLN D 178 -15.97 8.94 12.56
C GLN D 178 -16.93 7.81 12.14
N SER D 179 -18.23 8.09 12.29
CA SER D 179 -19.26 7.13 11.93
C SER D 179 -19.20 6.81 10.46
N SER D 180 -18.73 7.80 9.69
CA SER D 180 -18.53 7.64 8.26
C SER D 180 -17.49 6.55 7.96
N GLY D 181 -16.61 6.29 8.94
CA GLY D 181 -15.53 5.34 8.75
C GLY D 181 -14.25 5.99 8.33
N LEU D 182 -14.26 7.33 8.27
CA LEU D 182 -13.05 8.07 7.96
C LEU D 182 -12.40 8.60 9.24
N TYR D 183 -11.08 8.72 9.24
CA TYR D 183 -10.37 9.26 10.39
C TYR D 183 -10.32 10.77 10.33
N SER D 184 -9.90 11.38 11.44
CA SER D 184 -9.84 12.82 11.53
C SER D 184 -8.94 13.17 12.71
N LEU D 185 -8.09 14.18 12.55
CA LEU D 185 -7.24 14.61 13.65
C LEU D 185 -6.88 16.09 13.66
N SER D 186 -6.30 16.51 14.78
CA SER D 186 -5.80 17.85 14.91
C SER D 186 -4.33 17.92 15.26
N SER D 187 -3.66 18.92 14.73
CA SER D 187 -2.32 19.24 15.12
C SER D 187 -2.35 20.64 15.58
N VAL D 188 -1.86 20.90 16.78
CA VAL D 188 -1.84 22.28 17.25
C VAL D 188 -0.47 22.69 17.76
N VAL D 189 -0.14 23.98 17.64
CA VAL D 189 1.09 24.47 18.26
C VAL D 189 0.83 25.83 18.92
N THR D 190 1.50 26.11 20.03
CA THR D 190 1.50 27.46 20.59
C THR D 190 2.75 28.29 20.24
N VAL D 191 2.50 29.52 19.83
CA VAL D 191 3.56 30.44 19.47
C VAL D 191 3.30 31.80 20.13
N PRO D 192 4.33 32.65 20.22
CA PRO D 192 4.07 34.01 20.70
C PRO D 192 3.15 34.80 19.79
N SER D 193 2.12 35.45 20.35
CA SER D 193 1.26 36.34 19.58
C SER D 193 2.03 37.43 18.84
N SER D 194 3.18 37.78 19.38
CA SER D 194 3.97 38.83 18.78
C SER D 194 4.59 38.28 17.52
N SER D 195 4.72 36.95 17.41
CA SER D 195 5.32 36.35 16.21
C SER D 195 4.36 36.37 15.01
N LEU D 196 3.05 36.41 15.27
CA LEU D 196 2.05 36.40 14.19
C LEU D 196 2.26 37.66 13.34
N GLY D 197 2.26 37.51 12.02
CA GLY D 197 2.39 38.67 11.15
C GLY D 197 3.78 38.75 10.53
N THR D 198 4.80 38.22 11.21
CA THR D 198 6.17 38.23 10.69
C THR D 198 6.57 36.84 10.29
N GLN D 199 6.09 35.87 11.04
CA GLN D 199 6.53 34.50 10.91
C GLN D 199 5.42 33.74 10.26
N THR D 200 5.77 32.87 9.35
CA THR D 200 4.75 32.15 8.61
C THR D 200 4.64 30.77 9.21
N TYR D 201 3.42 30.31 9.46
CA TYR D 201 3.31 29.01 10.10
C TYR D 201 2.62 28.03 9.12
N ILE D 202 3.35 27.00 8.68
CA ILE D 202 2.83 25.98 7.76
C ILE D 202 2.72 24.59 8.35
N CYS D 203 1.54 23.97 8.26
CA CYS D 203 1.42 22.56 8.59
C CYS D 203 1.72 21.70 7.34
N ASN D 204 2.53 20.68 7.53
CA ASN D 204 2.84 19.75 6.47
C ASN D 204 2.24 18.39 6.74
N VAL D 205 1.11 18.13 6.08
CA VAL D 205 0.38 16.90 6.25
C VAL D 205 0.73 15.91 5.12
N ASN D 206 1.19 14.73 5.49
CA ASN D 206 1.51 13.71 4.52
C ASN D 206 0.72 12.44 4.76
N HIS D 207 -0.23 12.16 3.88
CA HIS D 207 -0.97 10.89 3.90
C HIS D 207 -0.37 9.91 2.89
N LYS D 208 0.65 9.17 3.32
CA LYS D 208 1.33 8.17 2.48
C LYS D 208 0.40 7.11 1.84
N PRO D 209 -0.55 6.56 2.64
CA PRO D 209 -1.41 5.53 2.03
C PRO D 209 -2.17 5.96 0.80
N SER D 210 -2.48 7.24 0.64
CA SER D 210 -3.22 7.67 -0.55
C SER D 210 -2.42 8.54 -1.55
N ASN D 211 -1.12 8.64 -1.33
CA ASN D 211 -0.22 9.52 -2.10
C ASN D 211 -0.66 11.00 -2.03
N THR D 212 -1.06 11.45 -0.84
CA THR D 212 -1.54 12.82 -0.66
C THR D 212 -0.58 13.60 0.21
N LYS D 213 -0.19 14.76 -0.28
CA LYS D 213 0.63 15.65 0.52
C LYS D 213 -0.01 17.03 0.51
N VAL D 214 -0.23 17.61 1.68
CA VAL D 214 -0.79 18.96 1.77
C VAL D 214 0.03 19.85 2.69
N ASP D 215 0.25 21.08 2.24
CA ASP D 215 0.94 22.11 3.01
C ASP D 215 -0.03 23.27 3.16
N LYS D 216 -0.39 23.56 4.40
CA LYS D 216 -1.39 24.59 4.61
C LYS D 216 -0.78 25.74 5.42
N LYS D 217 -0.83 26.94 4.83
CA LYS D 217 -0.39 28.14 5.53
C LYS D 217 -1.52 28.53 6.47
N VAL D 218 -1.16 28.76 7.72
CA VAL D 218 -2.13 29.09 8.75
C VAL D 218 -2.03 30.57 9.11
N GLU D 219 -3.06 31.33 8.78
CA GLU D 219 -2.99 32.76 8.93
C GLU D 219 -3.90 33.26 10.04
N PRO D 220 -3.48 34.31 10.75
CA PRO D 220 -4.19 34.91 11.88
C PRO D 220 -5.42 35.74 11.50
N LYS D 221 -6.34 35.88 12.45
CA LYS D 221 -7.57 36.67 12.26
C LYS D 221 -7.61 37.95 13.12
S SO4 E . 6.58 13.92 -15.97
O1 SO4 E . 6.95 15.32 -16.04
O2 SO4 E . 5.13 13.86 -16.14
O3 SO4 E . 7.25 13.26 -17.08
O4 SO4 E . 6.93 13.27 -14.73
S SO4 F . -3.85 -22.86 30.08
O1 SO4 F . -2.81 -21.94 29.61
O2 SO4 F . -4.85 -22.17 30.90
O3 SO4 F . -4.50 -23.40 28.87
O4 SO4 F . -3.22 -23.93 30.84
#